data_6NVC
#
_entry.id   6NVC
#
_cell.length_a   54.870
_cell.length_b   104.250
_cell.length_c   150.050
_cell.angle_alpha   90.000
_cell.angle_beta   90.000
_cell.angle_gamma   90.000
#
_symmetry.space_group_name_H-M   'P 21 21 21'
#
loop_
_entity.id
_entity.type
_entity.pdbx_description
1 polymer 'ATP-dependent dethiobiotin synthetase BioD'
2 non-polymer 'SULFATE ION'
3 non-polymer '{(1S,2R)-2-[4-(carboxymethyl)benzene-1-carbonyl]cyclopentyl}acetic acid'
4 water water
#
_entity_poly.entity_id   1
_entity_poly.type   'polypeptide(L)'
_entity_poly.pdbx_seq_one_letter_code
;HHHHHHGGTILVVTGTGTGVGKTVVCAALASAARQAGIDVAVCKPVQTGTARGDDDLAEVGRLAGVTQLAGLARYPQPMA
PAAAAEHAGMALPARDQIVRLIADLDRPGRLTLVEGAGGLLVELAEPGVTLRDVAVDVAAAALVVVTADLGTLNHTKLTL
EALAAQQVSCAGLVIGSWPDPPGLVAASNRSALARIAMVRAALPAGAASLDAGDFAAMSAAAFDRNWVAGLVG
;
_entity_poly.pdbx_strand_id   A,B,C,D
#
# COMPACT_ATOMS: atom_id res chain seq x y z
N GLY A 7 -5.17 -21.72 8.61
CA GLY A 7 -5.97 -20.98 9.57
C GLY A 7 -6.95 -20.07 8.86
N GLY A 8 -7.51 -19.13 9.60
CA GLY A 8 -8.47 -18.15 9.07
C GLY A 8 -7.82 -16.80 8.83
N THR A 9 -8.52 -15.74 9.20
CA THR A 9 -8.00 -14.38 9.06
C THR A 9 -7.77 -13.79 10.44
N ILE A 10 -6.57 -13.26 10.64
CA ILE A 10 -6.20 -12.58 11.87
C ILE A 10 -5.96 -11.12 11.56
N LEU A 11 -6.61 -10.25 12.31
CA LEU A 11 -6.45 -8.81 12.20
C LEU A 11 -6.05 -8.28 13.55
N VAL A 12 -4.85 -7.71 13.66
CA VAL A 12 -4.60 -6.94 14.87
C VAL A 12 -5.33 -5.61 14.71
N VAL A 13 -5.90 -5.15 15.80
CA VAL A 13 -6.60 -3.88 15.83
C VAL A 13 -5.76 -2.97 16.71
N THR A 14 -5.18 -1.97 16.08
CA THR A 14 -4.41 -0.98 16.80
C THR A 14 -5.13 0.36 16.70
N GLY A 15 -4.51 1.38 17.27
CA GLY A 15 -5.01 2.73 17.15
C GLY A 15 -3.87 3.71 16.97
N THR A 16 -4.23 4.96 16.69
CA THR A 16 -3.20 5.99 16.70
C THR A 16 -2.80 6.39 18.10
N GLY A 17 -3.54 5.96 19.08
CA GLY A 17 -3.18 6.27 20.45
C GLY A 17 -4.00 5.40 21.32
N THR A 18 -4.29 5.93 22.51
CA THR A 18 -5.18 5.27 23.43
C THR A 18 -6.44 6.11 23.56
N GLY A 19 -7.52 5.45 23.98
CA GLY A 19 -8.76 6.17 24.09
C GLY A 19 -9.38 6.53 22.77
N VAL A 20 -8.80 6.06 21.66
CA VAL A 20 -9.30 6.37 20.32
C VAL A 20 -10.48 5.52 19.89
N GLY A 21 -10.80 4.46 20.62
CA GLY A 21 -11.94 3.62 20.28
C GLY A 21 -11.60 2.24 19.78
N LYS A 22 -10.44 1.69 20.13
CA LYS A 22 -10.06 0.33 19.72
C LYS A 22 -11.13 -0.70 20.12
N THR A 23 -11.62 -0.61 21.36
CA THR A 23 -12.54 -1.62 21.85
C THR A 23 -13.87 -1.56 21.10
N VAL A 24 -14.48 -0.37 21.02
CA VAL A 24 -15.76 -0.23 20.31
C VAL A 24 -15.61 -0.72 18.87
N VAL A 25 -14.51 -0.37 18.20
CA VAL A 25 -14.29 -0.85 16.85
C VAL A 25 -14.17 -2.37 16.85
N CYS A 26 -13.33 -2.91 17.74
CA CYS A 26 -13.24 -4.37 17.87
C CYS A 26 -14.62 -4.96 17.96
N ALA A 27 -15.43 -4.45 18.89
CA ALA A 27 -16.77 -4.97 19.07
C ALA A 27 -17.60 -4.77 17.81
N ALA A 28 -17.46 -3.60 17.19
CA ALA A 28 -18.31 -3.28 16.05
C ALA A 28 -17.99 -4.19 14.87
N LEU A 29 -16.70 -4.38 14.59
CA LEU A 29 -16.31 -5.27 13.50
C LEU A 29 -16.64 -6.71 13.85
N ALA A 30 -16.48 -7.08 15.13
CA ALA A 30 -16.99 -8.38 15.57
C ALA A 30 -18.46 -8.53 15.22
N SER A 31 -19.28 -7.53 15.59
CA SER A 31 -20.72 -7.64 15.39
C SER A 31 -21.06 -7.73 13.92
N ALA A 32 -20.52 -6.83 13.10
CA ALA A 32 -20.73 -6.89 11.67
C ALA A 32 -20.28 -8.23 11.12
N ALA A 33 -19.18 -8.79 11.64
CA ALA A 33 -18.70 -10.05 11.12
C ALA A 33 -19.64 -11.19 11.47
N ARG A 34 -20.02 -11.29 12.75
CA ARG A 34 -20.97 -12.32 13.17
C ARG A 34 -22.23 -12.27 12.33
N GLN A 35 -22.75 -11.07 12.06
CA GLN A 35 -23.98 -11.00 11.28
C GLN A 35 -23.78 -11.46 9.86
N ALA A 36 -22.58 -11.28 9.30
CA ALA A 36 -22.24 -11.87 8.01
C ALA A 36 -22.02 -13.37 8.10
N GLY A 37 -22.20 -13.97 9.28
CA GLY A 37 -22.02 -15.39 9.45
C GLY A 37 -20.60 -15.81 9.63
N ILE A 38 -19.75 -14.89 10.02
CA ILE A 38 -18.34 -15.19 10.27
C ILE A 38 -18.17 -15.47 11.76
N ASP A 39 -17.42 -16.52 12.06
CA ASP A 39 -17.10 -16.86 13.43
C ASP A 39 -16.01 -15.92 13.93
N VAL A 40 -16.29 -15.20 15.01
CA VAL A 40 -15.39 -14.17 15.51
C VAL A 40 -14.88 -14.61 16.88
N ALA A 41 -13.55 -14.60 17.03
CA ALA A 41 -12.87 -14.55 18.31
C ALA A 41 -12.18 -13.19 18.45
N VAL A 42 -12.29 -12.60 19.63
CA VAL A 42 -11.57 -11.38 19.94
C VAL A 42 -10.51 -11.69 20.99
N CYS A 43 -9.32 -11.16 20.78
CA CYS A 43 -8.17 -11.51 21.61
C CYS A 43 -7.56 -10.23 22.16
N LYS A 44 -7.30 -10.21 23.46
CA LYS A 44 -6.69 -9.08 24.16
C LYS A 44 -5.48 -9.58 24.93
N PRO A 45 -4.32 -9.63 24.29
CA PRO A 45 -3.16 -10.27 24.95
C PRO A 45 -2.69 -9.54 26.21
N VAL A 46 -2.78 -8.22 26.26
CA VAL A 46 -2.32 -7.46 27.40
C VAL A 46 -3.43 -6.50 27.79
N GLN A 47 -3.92 -6.64 29.02
CA GLN A 47 -4.98 -5.78 29.56
C GLN A 47 -4.43 -5.08 30.79
N THR A 48 -4.26 -3.76 30.71
CA THR A 48 -3.89 -2.97 31.88
C THR A 48 -5.13 -2.28 32.44
N GLY A 49 -4.95 -1.59 33.55
CA GLY A 49 -6.09 -0.95 34.19
C GLY A 49 -7.18 -1.89 34.71
N THR A 50 -6.85 -3.13 35.02
CA THR A 50 -7.89 -4.01 35.54
C THR A 50 -8.28 -3.63 36.96
N ALA A 51 -7.43 -2.91 37.70
CA ALA A 51 -7.84 -2.40 39.00
C ALA A 51 -8.84 -1.27 38.87
N ARG A 52 -8.96 -0.69 37.69
CA ARG A 52 -9.97 0.31 37.36
C ARG A 52 -11.26 -0.31 36.87
N GLY A 53 -11.29 -1.61 36.62
CA GLY A 53 -12.39 -2.22 35.92
C GLY A 53 -12.19 -2.37 34.43
N ASP A 54 -11.14 -1.77 33.87
CA ASP A 54 -10.86 -1.94 32.45
C ASP A 54 -10.81 -3.41 32.10
N ASP A 55 -11.69 -3.82 31.19
CA ASP A 55 -11.68 -5.17 30.64
C ASP A 55 -12.31 -5.05 29.26
N ASP A 56 -11.47 -5.03 28.23
CA ASP A 56 -11.97 -4.78 26.88
C ASP A 56 -12.65 -6.02 26.31
N LEU A 57 -12.14 -7.22 26.63
CA LEU A 57 -12.84 -8.44 26.24
C LEU A 57 -14.26 -8.45 26.78
N ALA A 58 -14.42 -8.12 28.06
CA ALA A 58 -15.77 -8.00 28.63
C ALA A 58 -16.61 -7.00 27.85
N GLU A 59 -16.05 -5.83 27.55
CA GLU A 59 -16.80 -4.86 26.75
C GLU A 59 -17.18 -5.44 25.39
N VAL A 60 -16.21 -6.02 24.69
CA VAL A 60 -16.49 -6.62 23.38
C VAL A 60 -17.52 -7.72 23.51
N GLY A 61 -17.41 -8.55 24.56
CA GLY A 61 -18.49 -9.48 24.86
C GLY A 61 -19.83 -8.76 25.03
N ARG A 62 -19.86 -7.77 25.92
CA ARG A 62 -21.11 -7.06 26.20
C ARG A 62 -21.73 -6.50 24.94
N LEU A 63 -20.94 -5.76 24.15
CA LEU A 63 -21.47 -5.02 23.02
C LEU A 63 -21.80 -5.91 21.82
N ALA A 64 -20.90 -6.82 21.48
CA ALA A 64 -21.04 -7.63 20.30
C ALA A 64 -21.54 -9.02 20.61
N GLY A 65 -21.73 -9.36 21.88
CA GLY A 65 -22.11 -10.71 22.24
C GLY A 65 -21.06 -11.75 21.92
N VAL A 66 -19.81 -11.35 21.71
CA VAL A 66 -18.76 -12.33 21.45
C VAL A 66 -18.50 -13.13 22.71
N THR A 67 -18.52 -14.46 22.59
CA THR A 67 -18.13 -15.31 23.71
C THR A 67 -16.75 -15.93 23.53
N GLN A 68 -16.19 -15.86 22.33
CA GLN A 68 -14.85 -16.38 22.12
C GLN A 68 -13.84 -15.28 22.43
N LEU A 69 -13.66 -15.05 23.74
CA LEU A 69 -12.77 -14.03 24.28
C LEU A 69 -11.57 -14.72 24.89
N ALA A 70 -10.39 -14.14 24.69
CA ALA A 70 -9.13 -14.77 25.03
C ALA A 70 -8.17 -13.71 25.51
N GLY A 71 -7.84 -13.73 26.81
CA GLY A 71 -6.86 -12.83 27.38
C GLY A 71 -5.60 -13.59 27.75
N LEU A 72 -4.58 -12.82 28.12
CA LEU A 72 -3.34 -13.46 28.55
C LEU A 72 -2.81 -12.77 29.79
N ALA A 73 -2.43 -11.51 29.66
CA ALA A 73 -1.86 -10.78 30.78
C ALA A 73 -2.83 -9.72 31.24
N ARG A 74 -2.92 -9.55 32.54
CA ARG A 74 -3.74 -8.51 33.12
C ARG A 74 -2.91 -7.81 34.18
N TYR A 75 -2.84 -6.49 34.09
CA TYR A 75 -2.13 -5.71 35.09
C TYR A 75 -3.07 -4.66 35.67
N PRO A 76 -3.05 -4.45 36.98
CA PRO A 76 -4.11 -3.63 37.59
C PRO A 76 -4.03 -2.15 37.25
N GLN A 77 -2.83 -1.57 37.18
CA GLN A 77 -2.76 -0.12 37.01
C GLN A 77 -3.09 0.28 35.58
N PRO A 78 -3.86 1.37 35.38
CA PRO A 78 -4.15 1.90 34.05
C PRO A 78 -2.97 2.69 33.51
N MET A 79 -1.96 1.95 33.06
CA MET A 79 -0.73 2.50 32.54
C MET A 79 -0.30 1.67 31.34
N ALA A 80 0.79 2.08 30.73
CA ALA A 80 1.45 1.25 29.75
C ALA A 80 1.71 -0.14 30.35
N PRO A 81 1.49 -1.24 29.57
CA PRO A 81 1.81 -2.60 30.02
C PRO A 81 3.09 -2.69 30.84
N ALA A 82 4.17 -2.14 30.29
CA ALA A 82 5.47 -2.20 30.95
C ALA A 82 5.41 -1.60 32.34
N ALA A 83 4.87 -0.38 32.45
CA ALA A 83 4.76 0.26 33.74
C ALA A 83 3.76 -0.48 34.62
N ALA A 84 2.61 -0.82 34.06
CA ALA A 84 1.64 -1.59 34.82
C ALA A 84 2.26 -2.90 35.33
N ALA A 85 2.97 -3.60 34.46
CA ALA A 85 3.62 -4.84 34.90
C ALA A 85 4.59 -4.57 36.02
N GLU A 86 5.54 -3.64 35.79
CA GLU A 86 6.53 -3.34 36.81
C GLU A 86 5.86 -2.91 38.11
N HIS A 87 4.80 -2.11 38.02
CA HIS A 87 4.23 -1.59 39.26
C HIS A 87 3.58 -2.69 40.08
N ALA A 88 3.13 -3.76 39.43
CA ALA A 88 2.46 -4.87 40.09
C ALA A 88 3.41 -6.00 40.47
N GLY A 89 4.71 -5.84 40.22
CA GLY A 89 5.65 -6.91 40.49
C GLY A 89 5.63 -8.00 39.46
N MET A 90 5.10 -7.72 38.29
CA MET A 90 4.85 -8.74 37.29
C MET A 90 5.73 -8.49 36.08
N ALA A 91 5.88 -9.51 35.26
CA ALA A 91 6.60 -9.42 34.00
C ALA A 91 5.60 -9.40 32.86
N LEU A 92 6.03 -8.85 31.73
CA LEU A 92 5.21 -8.90 30.55
C LEU A 92 5.23 -10.32 29.99
N PRO A 93 4.25 -10.67 29.17
CA PRO A 93 4.29 -11.97 28.52
C PRO A 93 5.48 -12.04 27.59
N ALA A 94 5.79 -13.25 27.13
CA ALA A 94 6.83 -13.30 26.12
C ALA A 94 6.18 -13.20 24.74
N ARG A 95 7.00 -12.80 23.76
N ARG A 95 7.01 -12.81 23.77
CA ARG A 95 6.52 -12.67 22.39
CA ARG A 95 6.53 -12.66 22.39
C ARG A 95 5.77 -13.92 21.97
C ARG A 95 5.80 -13.92 21.93
N ASP A 96 6.33 -15.10 22.25
CA ASP A 96 5.68 -16.32 21.82
C ASP A 96 4.45 -16.68 22.65
N GLN A 97 4.31 -16.16 23.88
CA GLN A 97 3.08 -16.40 24.61
C GLN A 97 1.89 -15.71 23.96
N ILE A 98 2.09 -14.47 23.54
CA ILE A 98 1.09 -13.73 22.77
C ILE A 98 0.80 -14.44 21.47
N VAL A 99 1.87 -14.84 20.76
CA VAL A 99 1.68 -15.47 19.47
C VAL A 99 0.95 -16.80 19.62
N ARG A 100 1.29 -17.55 20.67
CA ARG A 100 0.63 -18.82 20.94
C ARG A 100 -0.87 -18.64 21.21
N LEU A 101 -1.21 -17.57 21.93
CA LEU A 101 -2.61 -17.30 22.20
C LEU A 101 -3.37 -17.03 20.92
N ILE A 102 -2.74 -16.31 19.99
CA ILE A 102 -3.41 -15.96 18.74
C ILE A 102 -3.50 -17.18 17.83
N ALA A 103 -2.37 -17.90 17.64
CA ALA A 103 -2.38 -19.08 16.77
C ALA A 103 -3.36 -20.13 17.26
N ASP A 104 -3.60 -20.20 18.57
CA ASP A 104 -4.55 -21.18 19.10
C ASP A 104 -5.98 -20.83 18.75
N LEU A 105 -6.27 -19.54 18.55
CA LEU A 105 -7.61 -19.12 18.16
C LEU A 105 -7.80 -19.18 16.65
N ASP A 106 -6.72 -18.97 15.92
CA ASP A 106 -6.81 -18.91 14.46
C ASP A 106 -7.31 -20.25 13.93
N ARG A 107 -8.24 -20.17 13.01
CA ARG A 107 -9.00 -21.33 12.62
C ARG A 107 -9.76 -20.94 11.35
N PRO A 108 -9.84 -21.83 10.36
CA PRO A 108 -10.45 -21.44 9.08
C PRO A 108 -11.90 -21.03 9.24
N GLY A 109 -12.28 -19.96 8.53
CA GLY A 109 -13.61 -19.42 8.64
C GLY A 109 -13.81 -18.47 9.80
N ARG A 110 -12.77 -18.22 10.59
CA ARG A 110 -12.87 -17.35 11.76
C ARG A 110 -12.14 -16.04 11.50
N LEU A 111 -12.78 -14.96 11.90
CA LEU A 111 -12.10 -13.68 12.09
C LEU A 111 -11.57 -13.63 13.52
N THR A 112 -10.26 -13.58 13.67
CA THR A 112 -9.63 -13.40 14.97
C THR A 112 -9.13 -11.96 15.06
N LEU A 113 -9.69 -11.21 15.99
CA LEU A 113 -9.32 -9.83 16.23
C LEU A 113 -8.40 -9.74 17.45
N VAL A 114 -7.20 -9.22 17.26
CA VAL A 114 -6.25 -9.00 18.35
C VAL A 114 -6.26 -7.51 18.65
N GLU A 115 -6.92 -7.12 19.76
CA GLU A 115 -6.91 -5.73 20.19
C GLU A 115 -5.63 -5.38 20.93
N GLY A 116 -4.87 -4.44 20.39
CA GLY A 116 -3.65 -3.99 21.03
C GLY A 116 -3.93 -3.25 22.33
N ALA A 117 -2.83 -2.85 22.95
CA ALA A 117 -2.86 -1.98 24.12
C ALA A 117 -2.31 -0.62 23.71
N GLY A 118 -3.16 0.40 23.71
CA GLY A 118 -2.69 1.70 23.27
C GLY A 118 -2.39 1.71 21.78
N GLY A 119 -1.28 2.34 21.43
CA GLY A 119 -0.90 2.48 20.05
C GLY A 119 0.07 1.39 19.59
N LEU A 120 0.32 1.39 18.28
CA LEU A 120 0.99 0.27 17.62
C LEU A 120 2.34 -0.06 18.27
N LEU A 121 3.07 0.94 18.74
CA LEU A 121 4.43 0.70 19.20
C LEU A 121 4.51 0.56 20.72
N VAL A 122 3.38 0.32 21.38
CA VAL A 122 3.42 0.06 22.80
C VAL A 122 4.09 -1.28 23.04
N GLU A 123 5.00 -1.33 24.01
CA GLU A 123 5.67 -2.59 24.31
C GLU A 123 4.67 -3.53 24.94
N LEU A 124 4.52 -4.71 24.34
CA LEU A 124 3.63 -5.70 24.92
C LEU A 124 4.37 -6.81 25.62
N ALA A 125 5.66 -7.00 25.31
CA ALA A 125 6.41 -8.15 25.78
C ALA A 125 7.88 -7.80 25.76
N GLU A 126 8.61 -8.37 26.72
CA GLU A 126 10.05 -8.12 26.80
C GLU A 126 10.76 -8.81 25.64
N PRO A 127 11.70 -8.13 24.97
CA PRO A 127 12.07 -6.72 25.10
C PRO A 127 11.59 -5.90 23.91
N GLY A 128 10.85 -4.83 24.17
CA GLY A 128 10.41 -3.95 23.11
C GLY A 128 9.54 -4.60 22.07
N VAL A 129 8.96 -5.76 22.38
CA VAL A 129 8.06 -6.42 21.44
C VAL A 129 6.73 -5.69 21.41
N THR A 130 6.28 -5.35 20.21
CA THR A 130 5.09 -4.55 19.99
C THR A 130 4.06 -5.36 19.23
N LEU A 131 2.83 -4.84 19.21
CA LEU A 131 1.79 -5.43 18.38
C LEU A 131 2.22 -5.53 16.92
N ARG A 132 3.03 -4.58 16.44
CA ARG A 132 3.55 -4.68 15.09
C ARG A 132 4.30 -5.99 14.89
N ASP A 133 5.26 -6.29 15.79
CA ASP A 133 6.02 -7.54 15.71
C ASP A 133 5.08 -8.75 15.79
N VAL A 134 4.05 -8.66 16.63
CA VAL A 134 3.10 -9.76 16.76
C VAL A 134 2.39 -10.00 15.43
N ALA A 135 2.10 -8.93 14.71
CA ALA A 135 1.44 -9.03 13.42
C ALA A 135 2.33 -9.67 12.38
N VAL A 136 3.63 -9.43 12.48
CA VAL A 136 4.54 -10.16 11.61
C VAL A 136 4.51 -11.64 11.96
N ASP A 137 4.47 -11.94 13.25
CA ASP A 137 4.57 -13.34 13.67
C ASP A 137 3.35 -14.14 13.24
N VAL A 138 2.16 -13.53 13.27
CA VAL A 138 0.97 -14.24 12.89
C VAL A 138 0.51 -13.86 11.50
N ALA A 139 1.28 -13.06 10.78
CA ALA A 139 0.93 -12.62 9.44
C ALA A 139 -0.44 -11.94 9.42
N ALA A 140 -0.70 -11.09 10.42
CA ALA A 140 -1.95 -10.35 10.47
C ALA A 140 -1.81 -9.00 9.78
N ALA A 141 -2.87 -8.58 9.10
CA ALA A 141 -2.97 -7.17 8.75
C ALA A 141 -3.41 -6.39 9.99
N ALA A 142 -3.17 -5.09 9.95
CA ALA A 142 -3.53 -4.20 11.05
C ALA A 142 -4.66 -3.28 10.58
N LEU A 143 -5.70 -3.22 11.39
CA LEU A 143 -6.78 -2.25 11.23
C LEU A 143 -6.51 -1.11 12.21
N VAL A 144 -6.41 0.11 11.71
CA VAL A 144 -5.96 1.22 12.53
C VAL A 144 -7.17 2.04 12.95
N VAL A 145 -7.37 2.14 14.25
CA VAL A 145 -8.46 2.95 14.75
C VAL A 145 -7.92 4.35 14.98
N VAL A 146 -8.60 5.33 14.41
CA VAL A 146 -8.18 6.72 14.46
C VAL A 146 -9.35 7.54 15.00
N THR A 147 -9.03 8.74 15.49
CA THR A 147 -10.02 9.76 15.79
C THR A 147 -10.19 10.66 14.57
N ALA A 148 -11.23 11.50 14.65
CA ALA A 148 -11.50 12.55 13.70
C ALA A 148 -10.97 13.91 14.17
N ASP A 149 -10.20 13.95 15.25
CA ASP A 149 -9.83 15.17 15.95
C ASP A 149 -8.45 15.68 15.56
N LEU A 150 -8.20 16.93 15.93
CA LEU A 150 -6.90 17.56 15.80
C LEU A 150 -5.82 16.66 16.37
N GLY A 151 -4.82 16.38 15.53
CA GLY A 151 -3.74 15.45 15.82
C GLY A 151 -3.67 14.27 14.87
N THR A 152 -4.80 13.93 14.23
CA THR A 152 -4.99 12.56 13.77
C THR A 152 -4.20 12.24 12.51
N LEU A 153 -4.05 13.22 11.61
CA LEU A 153 -3.43 12.92 10.33
C LEU A 153 -1.96 12.59 10.51
N ASN A 154 -1.30 13.31 11.40
CA ASN A 154 0.05 12.97 11.81
C ASN A 154 0.10 11.63 12.51
N HIS A 155 -0.87 11.36 13.40
CA HIS A 155 -0.86 10.10 14.12
C HIS A 155 -1.12 8.94 13.18
N THR A 156 -2.05 9.12 12.25
CA THR A 156 -2.36 8.05 11.32
C THR A 156 -1.17 7.77 10.42
N LYS A 157 -0.59 8.82 9.83
CA LYS A 157 0.58 8.67 8.98
C LYS A 157 1.75 8.05 9.73
N LEU A 158 1.95 8.43 11.00
CA LEU A 158 3.00 7.78 11.77
C LEU A 158 2.73 6.30 11.91
N THR A 159 1.49 5.95 12.27
CA THR A 159 1.15 4.54 12.46
C THR A 159 1.33 3.76 11.17
N LEU A 160 0.85 4.31 10.05
CA LEU A 160 0.90 3.57 8.80
C LEU A 160 2.33 3.42 8.32
N GLU A 161 3.12 4.49 8.46
CA GLU A 161 4.52 4.41 8.12
C GLU A 161 5.20 3.34 8.96
N ALA A 162 4.86 3.29 10.26
CA ALA A 162 5.39 2.29 11.16
C ALA A 162 4.97 0.88 10.76
N LEU A 163 3.74 0.72 10.26
CA LEU A 163 3.32 -0.59 9.80
C LEU A 163 4.09 -0.98 8.55
N ALA A 164 4.21 -0.06 7.60
CA ALA A 164 4.88 -0.36 6.34
C ALA A 164 6.35 -0.65 6.56
N ALA A 165 6.94 -0.09 7.61
CA ALA A 165 8.33 -0.34 7.94
C ALA A 165 8.57 -1.81 8.20
N GLN A 166 7.56 -2.53 8.70
CA GLN A 166 7.69 -3.98 8.91
C GLN A 166 6.86 -4.78 7.93
N GLN A 167 6.45 -4.17 6.82
N GLN A 167 6.45 -4.17 6.82
CA GLN A 167 5.62 -4.85 5.82
CA GLN A 167 5.62 -4.84 5.82
C GLN A 167 4.36 -5.44 6.44
C GLN A 167 4.38 -5.47 6.46
N VAL A 168 3.82 -4.78 7.46
CA VAL A 168 2.55 -5.17 8.04
C VAL A 168 1.49 -4.42 7.27
N SER A 169 0.70 -5.14 6.51
CA SER A 169 -0.22 -4.46 5.61
C SER A 169 -1.33 -3.81 6.44
N CYS A 170 -1.79 -2.67 5.97
CA CYS A 170 -2.87 -1.94 6.62
C CYS A 170 -4.20 -2.46 6.10
N ALA A 171 -5.06 -2.93 7.01
CA ALA A 171 -6.40 -3.31 6.57
C ALA A 171 -7.30 -2.11 6.38
N GLY A 172 -6.84 -0.93 6.78
CA GLY A 172 -7.61 0.29 6.69
C GLY A 172 -7.77 0.98 8.03
N LEU A 173 -8.64 1.97 8.05
CA LEU A 173 -8.86 2.78 9.24
C LEU A 173 -10.33 2.71 9.64
N VAL A 174 -10.55 2.81 10.94
CA VAL A 174 -11.87 3.07 11.48
C VAL A 174 -11.77 4.34 12.31
N ILE A 175 -12.59 5.33 11.97
CA ILE A 175 -12.84 6.45 12.88
C ILE A 175 -13.68 5.91 14.04
N GLY A 176 -13.09 5.86 15.23
CA GLY A 176 -13.74 5.24 16.37
C GLY A 176 -14.85 6.05 17.00
N SER A 177 -14.84 7.37 16.81
CA SER A 177 -15.93 8.23 17.25
C SER A 177 -16.16 9.30 16.20
N TRP A 178 -17.38 9.36 15.68
CA TRP A 178 -17.73 10.28 14.63
C TRP A 178 -18.92 11.11 15.07
N PRO A 179 -18.79 12.42 15.15
CA PRO A 179 -19.85 13.25 15.71
C PRO A 179 -20.94 13.53 14.69
N ASP A 180 -22.15 13.73 15.21
CA ASP A 180 -23.30 14.06 14.37
C ASP A 180 -23.99 15.27 14.98
N PRO A 181 -23.84 16.46 14.38
CA PRO A 181 -23.17 16.71 13.10
C PRO A 181 -21.64 16.82 13.21
N PRO A 182 -20.96 16.60 12.08
CA PRO A 182 -19.50 16.80 12.04
C PRO A 182 -19.11 18.25 11.76
N GLY A 183 -18.21 18.80 12.57
CA GLY A 183 -17.72 20.14 12.32
C GLY A 183 -16.72 20.18 11.18
N LEU A 184 -16.28 21.40 10.87
CA LEU A 184 -15.27 21.63 9.83
C LEU A 184 -14.07 20.69 9.99
N VAL A 185 -13.46 20.70 11.18
CA VAL A 185 -12.28 19.89 11.42
C VAL A 185 -12.58 18.41 11.15
N ALA A 186 -13.56 17.85 11.86
CA ALA A 186 -13.91 16.44 11.71
C ALA A 186 -14.13 16.08 10.24
N ALA A 187 -14.94 16.86 9.54
CA ALA A 187 -15.24 16.56 8.14
C ALA A 187 -13.98 16.61 7.29
N SER A 188 -13.19 17.66 7.46
CA SER A 188 -11.95 17.80 6.71
C SER A 188 -10.94 16.72 7.09
N ASN A 189 -10.95 16.30 8.36
CA ASN A 189 -10.10 15.19 8.77
C ASN A 189 -10.56 13.90 8.12
N ARG A 190 -11.87 13.66 8.06
CA ARG A 190 -12.33 12.44 7.41
C ARG A 190 -11.89 12.41 5.97
N SER A 191 -12.10 13.52 5.25
N SER A 191 -12.08 13.52 5.25
CA SER A 191 -11.73 13.58 3.83
CA SER A 191 -11.74 13.56 3.84
C SER A 191 -10.26 13.24 3.66
C SER A 191 -10.25 13.26 3.63
N ALA A 192 -9.39 13.82 4.48
CA ALA A 192 -7.95 13.58 4.36
C ALA A 192 -7.59 12.19 4.83
N LEU A 193 -8.24 11.69 5.88
CA LEU A 193 -8.00 10.31 6.29
C LEU A 193 -8.25 9.35 5.15
N ALA A 194 -9.41 9.48 4.49
CA ALA A 194 -9.74 8.61 3.37
C ALA A 194 -8.73 8.72 2.22
N ARG A 195 -7.96 9.80 2.12
CA ARG A 195 -6.90 9.85 1.13
C ARG A 195 -5.66 9.08 1.57
N ILE A 196 -5.49 8.87 2.88
CA ILE A 196 -4.32 8.16 3.37
C ILE A 196 -4.50 6.66 3.25
N ALA A 197 -5.66 6.16 3.67
CA ALA A 197 -5.99 4.75 3.55
C ALA A 197 -7.50 4.63 3.40
N MET A 198 -7.96 3.43 3.07
CA MET A 198 -9.39 3.14 3.09
C MET A 198 -9.94 3.33 4.50
N VAL A 199 -11.05 4.05 4.60
CA VAL A 199 -11.72 4.27 5.88
C VAL A 199 -12.87 3.27 5.93
N ARG A 200 -12.70 2.19 6.72
CA ARG A 200 -13.67 1.09 6.68
C ARG A 200 -14.96 1.39 7.43
N ALA A 201 -14.95 2.37 8.32
CA ALA A 201 -16.15 2.75 9.05
C ALA A 201 -15.84 4.01 9.84
N ALA A 202 -16.90 4.71 10.23
CA ALA A 202 -16.83 5.80 11.18
C ALA A 202 -17.97 5.59 12.15
N LEU A 203 -17.68 4.99 13.30
CA LEU A 203 -18.75 4.65 14.24
C LEU A 203 -19.30 5.92 14.86
N PRO A 204 -20.62 6.02 14.99
CA PRO A 204 -21.20 7.26 15.53
C PRO A 204 -20.80 7.42 16.97
N ALA A 205 -20.59 8.67 17.38
CA ALA A 205 -20.15 8.95 18.73
C ALA A 205 -21.10 8.31 19.72
N GLY A 206 -20.56 7.92 20.88
CA GLY A 206 -21.39 7.26 21.87
C GLY A 206 -21.94 5.93 21.42
N ALA A 207 -21.30 5.29 20.43
CA ALA A 207 -21.75 3.96 20.02
C ALA A 207 -21.66 2.95 21.15
N ALA A 208 -20.81 3.20 22.15
CA ALA A 208 -20.62 2.25 23.24
C ALA A 208 -21.83 2.21 24.19
N SER A 209 -22.68 3.23 24.17
N SER A 209 -22.68 3.24 24.17
CA SER A 209 -23.87 3.23 25.02
CA SER A 209 -23.88 3.28 25.00
C SER A 209 -25.09 2.71 24.27
C SER A 209 -25.08 2.60 24.34
N LEU A 210 -24.89 2.01 23.16
CA LEU A 210 -25.97 1.30 22.48
C LEU A 210 -26.16 -0.10 23.08
N ASP A 211 -27.42 -0.47 23.32
CA ASP A 211 -27.68 -1.84 23.73
C ASP A 211 -27.40 -2.80 22.58
N ALA A 212 -27.51 -4.09 22.88
CA ALA A 212 -27.01 -5.15 21.99
C ALA A 212 -27.52 -4.99 20.56
N GLY A 213 -28.83 -4.85 20.39
CA GLY A 213 -29.39 -4.82 19.07
C GLY A 213 -29.29 -3.46 18.43
N ASP A 214 -29.18 -2.41 19.24
CA ASP A 214 -28.82 -1.11 18.68
C ASP A 214 -27.39 -1.13 18.17
N PHE A 215 -26.48 -1.68 18.97
CA PHE A 215 -25.09 -1.76 18.58
C PHE A 215 -24.91 -2.62 17.34
N ALA A 216 -25.58 -3.77 17.30
CA ALA A 216 -25.49 -4.63 16.14
C ALA A 216 -26.05 -3.95 14.90
N ALA A 217 -27.12 -3.17 15.06
CA ALA A 217 -27.65 -2.41 13.94
C ALA A 217 -26.63 -1.36 13.49
N MET A 218 -26.04 -0.66 14.46
CA MET A 218 -25.01 0.31 14.13
C MET A 218 -23.85 -0.36 13.41
N SER A 219 -23.45 -1.55 13.89
CA SER A 219 -22.30 -2.24 13.35
C SER A 219 -22.53 -2.70 11.92
N ALA A 220 -23.75 -3.12 11.60
CA ALA A 220 -24.01 -3.63 10.26
C ALA A 220 -24.01 -2.50 9.24
N ALA A 221 -24.54 -1.34 9.62
CA ALA A 221 -24.48 -0.18 8.74
C ALA A 221 -23.10 0.43 8.67
N ALA A 222 -22.33 0.37 9.78
CA ALA A 222 -21.06 1.09 9.86
C ALA A 222 -20.06 0.62 8.82
N PHE A 223 -20.03 -0.69 8.55
CA PHE A 223 -19.03 -1.33 7.72
C PHE A 223 -19.62 -1.72 6.37
N ASP A 224 -18.78 -1.71 5.33
CA ASP A 224 -19.21 -2.22 4.04
C ASP A 224 -19.32 -3.74 4.10
N ARG A 225 -20.55 -4.25 3.93
CA ARG A 225 -20.81 -5.68 3.97
C ARG A 225 -19.83 -6.44 3.08
N ASN A 226 -19.51 -5.87 1.92
CA ASN A 226 -18.57 -6.53 1.02
C ASN A 226 -17.19 -6.64 1.63
N TRP A 227 -16.74 -5.58 2.30
CA TRP A 227 -15.42 -5.64 2.92
C TRP A 227 -15.41 -6.66 4.03
N VAL A 228 -16.40 -6.57 4.92
CA VAL A 228 -16.54 -7.54 6.01
C VAL A 228 -16.57 -8.97 5.47
N ALA A 229 -17.50 -9.24 4.56
CA ALA A 229 -17.61 -10.58 3.97
C ALA A 229 -16.29 -11.05 3.40
N GLY A 230 -15.56 -10.17 2.72
CA GLY A 230 -14.29 -10.56 2.13
C GLY A 230 -13.14 -10.72 3.11
N LEU A 231 -13.38 -10.54 4.42
CA LEU A 231 -12.30 -10.66 5.37
C LEU A 231 -11.94 -12.11 5.61
N VAL A 232 -12.92 -12.98 5.53
CA VAL A 232 -12.74 -14.39 5.83
C VAL A 232 -13.26 -15.19 4.66
N GLY A 233 -12.50 -16.21 4.27
CA GLY A 233 -12.95 -17.17 3.27
C GLY A 233 -13.53 -18.41 3.92
N GLY B 7 27.17 28.65 8.21
CA GLY B 7 25.93 28.78 8.95
C GLY B 7 26.08 28.48 10.43
N GLY B 8 24.96 28.32 11.13
CA GLY B 8 24.98 27.95 12.54
C GLY B 8 24.25 26.63 12.80
N THR B 9 23.39 26.59 13.81
CA THR B 9 22.66 25.37 14.16
C THR B 9 21.18 25.57 13.92
N ILE B 10 20.59 24.71 13.10
CA ILE B 10 19.16 24.69 12.83
C ILE B 10 18.56 23.49 13.54
N LEU B 11 17.63 23.73 14.46
CA LEU B 11 16.78 22.68 15.02
C LEU B 11 15.39 22.88 14.47
N VAL B 12 14.79 21.81 13.98
CA VAL B 12 13.34 21.81 13.83
C VAL B 12 12.75 21.31 15.13
N VAL B 13 11.74 22.01 15.61
CA VAL B 13 11.05 21.66 16.85
C VAL B 13 9.69 21.09 16.45
N THR B 14 9.51 19.80 16.67
CA THR B 14 8.25 19.16 16.32
C THR B 14 7.63 18.58 17.57
N GLY B 15 6.34 18.27 17.48
CA GLY B 15 5.61 17.65 18.57
C GLY B 15 5.00 16.30 18.20
N THR B 16 4.73 15.50 19.21
CA THR B 16 4.05 14.23 19.00
C THR B 16 2.57 14.41 18.71
N GLY B 17 2.08 15.64 18.79
CA GLY B 17 0.73 15.94 18.39
C GLY B 17 0.51 17.43 18.41
N THR B 18 -0.70 17.84 18.80
CA THR B 18 -1.02 19.26 18.88
C THR B 18 -1.37 19.61 20.31
N GLY B 19 -1.03 20.83 20.72
CA GLY B 19 -1.23 21.22 22.10
C GLY B 19 -0.26 20.60 23.07
N VAL B 20 0.83 20.02 22.56
CA VAL B 20 1.82 19.35 23.41
C VAL B 20 2.87 20.31 23.95
N GLY B 21 2.83 21.59 23.57
CA GLY B 21 3.76 22.59 24.07
C GLY B 21 4.88 22.96 23.12
N LYS B 22 4.76 22.67 21.83
CA LYS B 22 5.77 23.07 20.86
C LYS B 22 6.23 24.50 21.06
N THR B 23 5.28 25.44 21.05
CA THR B 23 5.65 26.85 21.06
C THR B 23 6.34 27.20 22.37
N VAL B 24 5.70 26.90 23.49
CA VAL B 24 6.26 27.20 24.79
C VAL B 24 7.64 26.55 24.91
N VAL B 25 7.88 25.48 24.15
CA VAL B 25 9.21 24.87 24.14
C VAL B 25 10.19 25.68 23.28
N CYS B 26 9.80 26.05 22.07
CA CYS B 26 10.62 26.97 21.28
C CYS B 26 11.00 28.19 22.11
N ALA B 27 9.98 28.86 22.66
CA ALA B 27 10.21 29.97 23.57
C ALA B 27 11.25 29.61 24.61
N ALA B 28 11.02 28.51 25.32
CA ALA B 28 11.87 28.17 26.46
C ALA B 28 13.30 27.93 26.04
N LEU B 29 13.52 27.22 24.94
CA LEU B 29 14.90 27.00 24.50
C LEU B 29 15.48 28.27 23.91
N ALA B 30 14.68 29.00 23.12
CA ALA B 30 15.12 30.32 22.66
C ALA B 30 15.58 31.16 23.84
N SER B 31 14.74 31.22 24.88
CA SER B 31 15.08 31.99 26.07
C SER B 31 16.37 31.48 26.69
N ALA B 32 16.49 30.16 26.86
CA ALA B 32 17.68 29.64 27.52
C ALA B 32 18.90 29.93 26.67
N ALA B 33 18.79 29.77 25.35
CA ALA B 33 19.95 30.00 24.48
C ALA B 33 20.29 31.49 24.40
N ARG B 34 19.27 32.35 24.38
CA ARG B 34 19.55 33.78 24.49
C ARG B 34 20.34 34.07 25.76
N GLN B 35 19.92 33.47 26.89
CA GLN B 35 20.58 33.71 28.16
C GLN B 35 22.01 33.17 28.19
N ALA B 36 22.36 32.24 27.29
CA ALA B 36 23.74 31.80 27.12
C ALA B 36 24.49 32.64 26.09
N GLY B 37 24.03 33.87 25.85
CA GLY B 37 24.54 34.67 24.75
C GLY B 37 24.48 34.08 23.35
N ILE B 38 23.50 33.22 23.05
CA ILE B 38 23.33 32.72 21.69
C ILE B 38 22.26 33.58 21.02
N ASP B 39 22.52 33.98 19.79
CA ASP B 39 21.50 34.65 18.99
C ASP B 39 20.49 33.62 18.52
N VAL B 40 19.19 33.89 18.71
CA VAL B 40 18.15 32.95 18.33
C VAL B 40 17.21 33.58 17.32
N ALA B 41 16.93 32.85 16.27
CA ALA B 41 15.82 33.13 15.38
C ALA B 41 14.84 31.98 15.48
N VAL B 42 13.57 32.29 15.37
CA VAL B 42 12.54 31.25 15.36
C VAL B 42 11.72 31.44 14.10
N CYS B 43 11.62 30.39 13.31
CA CYS B 43 10.88 30.41 12.07
C CYS B 43 9.69 29.48 12.21
N LYS B 44 8.49 30.02 12.02
CA LYS B 44 7.26 29.24 12.02
C LYS B 44 6.69 29.39 10.62
N PRO B 45 7.07 28.52 9.68
CA PRO B 45 6.73 28.77 8.27
C PRO B 45 5.25 28.89 8.05
N VAL B 46 4.48 28.02 8.68
CA VAL B 46 3.05 27.96 8.47
C VAL B 46 2.38 28.00 9.82
N GLN B 47 1.57 29.03 10.03
CA GLN B 47 0.78 29.21 11.22
C GLN B 47 -0.68 29.00 10.82
N THR B 48 -1.45 28.33 11.66
CA THR B 48 -2.88 28.17 11.43
C THR B 48 -3.61 28.68 12.65
N GLY B 49 -4.93 28.54 12.65
CA GLY B 49 -5.70 28.98 13.79
C GLY B 49 -5.57 30.46 14.08
N THR B 50 -5.27 31.28 13.07
CA THR B 50 -5.21 32.71 13.31
C THR B 50 -6.59 33.31 13.48
N ALA B 51 -7.63 32.58 13.11
CA ALA B 51 -8.97 33.12 13.29
C ALA B 51 -9.22 33.42 14.76
N ARG B 52 -8.83 32.50 15.63
CA ARG B 52 -8.98 32.64 17.07
C ARG B 52 -7.77 33.25 17.75
N GLY B 53 -6.73 33.60 17.00
CA GLY B 53 -5.61 34.33 17.55
C GLY B 53 -4.34 33.55 17.79
N ASP B 54 -4.25 32.30 17.35
CA ASP B 54 -2.98 31.61 17.38
C ASP B 54 -1.93 32.43 16.62
N ASP B 55 -0.80 32.63 17.29
CA ASP B 55 0.36 33.38 16.77
C ASP B 55 1.54 32.93 17.60
N ASP B 56 2.05 31.74 17.28
CA ASP B 56 3.14 31.18 18.07
C ASP B 56 4.37 32.07 18.03
N LEU B 57 4.66 32.71 16.88
CA LEU B 57 5.81 33.60 16.84
C LEU B 57 5.68 34.74 17.84
N ALA B 58 4.46 35.21 18.07
CA ALA B 58 4.27 36.31 19.01
C ALA B 58 4.47 35.82 20.44
N GLU B 59 3.97 34.61 20.76
CA GLU B 59 4.24 34.03 22.05
C GLU B 59 5.74 33.94 22.27
N VAL B 60 6.47 33.51 21.24
CA VAL B 60 7.91 33.40 21.33
C VAL B 60 8.51 34.76 21.63
N GLY B 61 8.14 35.76 20.83
CA GLY B 61 8.67 37.09 21.06
C GLY B 61 8.37 37.58 22.45
N ARG B 62 7.14 37.34 22.92
CA ARG B 62 6.80 37.79 24.26
C ARG B 62 7.59 37.04 25.31
N LEU B 63 7.56 35.71 25.27
CA LEU B 63 8.20 34.93 26.32
C LEU B 63 9.72 34.99 26.21
N ALA B 64 10.25 35.14 25.01
CA ALA B 64 11.67 34.96 24.83
C ALA B 64 12.40 36.18 24.30
N GLY B 65 11.68 37.23 23.90
CA GLY B 65 12.33 38.39 23.34
C GLY B 65 13.04 38.14 22.04
N VAL B 66 12.87 36.95 21.45
CA VAL B 66 13.34 36.75 20.08
C VAL B 66 12.72 37.80 19.19
N THR B 67 13.53 38.45 18.36
CA THR B 67 13.00 39.36 17.37
C THR B 67 13.08 38.83 15.95
N GLN B 68 14.01 37.93 15.65
CA GLN B 68 14.02 37.26 14.36
C GLN B 68 12.95 36.16 14.36
N LEU B 69 11.70 36.63 14.24
CA LEU B 69 10.51 35.80 14.15
C LEU B 69 10.05 35.80 12.70
N ALA B 70 10.24 34.66 12.02
CA ALA B 70 10.04 34.59 10.57
C ALA B 70 8.91 33.62 10.22
N GLY B 71 8.01 34.07 9.34
CA GLY B 71 6.90 33.23 8.92
C GLY B 71 6.55 33.49 7.47
N LEU B 72 5.85 32.54 6.86
CA LEU B 72 5.50 32.60 5.45
C LEU B 72 4.00 32.71 5.20
N ALA B 73 3.18 31.99 5.97
CA ALA B 73 1.75 31.94 5.69
C ALA B 73 0.97 31.79 6.98
N ARG B 74 -0.26 32.31 6.98
CA ARG B 74 -1.14 32.26 8.13
C ARG B 74 -2.54 31.85 7.68
N TYR B 75 -3.06 30.78 8.25
CA TYR B 75 -4.42 30.46 7.87
C TYR B 75 -5.35 30.60 9.06
N PRO B 76 -6.55 31.13 8.85
CA PRO B 76 -7.45 31.39 9.99
C PRO B 76 -7.98 30.13 10.65
N GLN B 77 -8.34 29.13 9.86
CA GLN B 77 -9.01 27.97 10.41
C GLN B 77 -8.06 27.17 11.29
N PRO B 78 -8.47 26.83 12.53
CA PRO B 78 -7.61 26.03 13.44
C PRO B 78 -7.56 24.56 13.04
N MET B 79 -6.97 24.27 11.89
CA MET B 79 -6.91 22.93 11.34
C MET B 79 -5.52 22.68 10.77
N ALA B 80 -5.33 21.49 10.21
CA ALA B 80 -4.08 21.14 9.58
C ALA B 80 -3.75 22.12 8.45
N PRO B 81 -2.46 22.37 8.20
CA PRO B 81 -2.09 23.34 7.15
C PRO B 81 -2.76 23.11 5.80
N ALA B 82 -2.69 21.89 5.27
CA ALA B 82 -3.36 21.61 3.99
C ALA B 82 -4.87 21.77 4.10
N ALA B 83 -5.44 21.40 5.25
CA ALA B 83 -6.89 21.51 5.44
C ALA B 83 -7.32 22.95 5.55
N ALA B 84 -6.58 23.74 6.34
CA ALA B 84 -6.81 25.18 6.41
C ALA B 84 -6.67 25.81 5.03
N ALA B 85 -5.58 25.49 4.34
CA ALA B 85 -5.37 26.01 2.99
C ALA B 85 -6.55 25.62 2.09
N GLU B 86 -6.95 24.35 2.14
CA GLU B 86 -8.15 23.88 1.42
C GLU B 86 -9.35 24.76 1.71
N HIS B 87 -9.76 24.83 2.99
CA HIS B 87 -10.95 25.59 3.36
C HIS B 87 -10.86 27.04 2.90
N ALA B 88 -9.63 27.57 2.76
CA ALA B 88 -9.38 28.95 2.38
C ALA B 88 -9.17 29.15 0.88
N GLY B 89 -8.93 28.07 0.15
CA GLY B 89 -8.80 28.15 -1.29
C GLY B 89 -7.45 28.58 -1.78
N MET B 90 -6.45 28.62 -0.92
CA MET B 90 -5.12 29.08 -1.25
C MET B 90 -4.12 28.00 -0.88
N ALA B 91 -3.21 27.71 -1.79
CA ALA B 91 -2.20 26.70 -1.57
C ALA B 91 -1.36 27.03 -0.34
N LEU B 92 -0.71 26.00 0.19
CA LEU B 92 0.38 26.12 1.14
C LEU B 92 1.58 26.79 0.47
N PRO B 93 2.60 27.20 1.24
CA PRO B 93 3.81 27.71 0.59
C PRO B 93 4.48 26.62 -0.21
N ALA B 94 5.60 26.95 -0.83
CA ALA B 94 6.37 25.97 -1.58
C ALA B 94 7.45 25.36 -0.68
N ARG B 95 7.82 24.12 -1.01
CA ARG B 95 9.01 23.53 -0.42
C ARG B 95 10.18 24.51 -0.47
N ASP B 96 10.27 25.27 -1.56
CA ASP B 96 11.45 26.11 -1.78
C ASP B 96 11.46 27.32 -0.84
N GLN B 97 10.31 27.96 -0.62
CA GLN B 97 10.31 29.12 0.28
C GLN B 97 10.59 28.69 1.71
N ILE B 98 10.05 27.55 2.13
CA ILE B 98 10.36 27.08 3.48
C ILE B 98 11.86 26.89 3.64
N VAL B 99 12.46 26.09 2.74
CA VAL B 99 13.87 25.75 2.90
C VAL B 99 14.75 26.99 2.81
N ARG B 100 14.51 27.85 1.80
CA ARG B 100 15.33 29.04 1.65
C ARG B 100 15.09 30.04 2.79
N LEU B 101 13.86 30.16 3.26
CA LEU B 101 13.60 31.03 4.40
C LEU B 101 14.40 30.55 5.61
N ILE B 102 14.39 29.25 5.86
CA ILE B 102 15.14 28.73 6.99
C ILE B 102 16.63 28.91 6.76
N ALA B 103 17.12 28.59 5.56
CA ALA B 103 18.56 28.66 5.31
C ALA B 103 19.07 30.09 5.38
N ASP B 104 18.26 31.07 4.96
CA ASP B 104 18.68 32.46 5.04
C ASP B 104 18.67 32.95 6.47
N LEU B 105 17.74 32.45 7.27
CA LEU B 105 17.81 32.68 8.70
C LEU B 105 19.12 32.18 9.27
N ASP B 106 19.55 31.01 8.83
CA ASP B 106 20.71 30.38 9.43
C ASP B 106 21.92 31.26 9.25
N ARG B 107 22.68 31.42 10.32
CA ARG B 107 23.92 32.18 10.29
C ARG B 107 24.79 31.72 11.45
N PRO B 108 26.11 31.74 11.30
CA PRO B 108 26.99 31.25 12.38
C PRO B 108 26.70 31.96 13.69
N GLY B 109 26.82 31.22 14.79
CA GLY B 109 26.51 31.74 16.10
C GLY B 109 25.03 31.90 16.41
N ARG B 110 24.14 31.68 15.44
CA ARG B 110 22.71 31.76 15.67
C ARG B 110 22.09 30.38 15.83
N LEU B 111 21.21 30.24 16.81
CA LEU B 111 20.31 29.10 16.92
C LEU B 111 19.02 29.43 16.19
N THR B 112 18.73 28.70 15.13
CA THR B 112 17.54 28.89 14.30
C THR B 112 16.59 27.75 14.60
N LEU B 113 15.48 28.09 15.25
CA LEU B 113 14.47 27.11 15.63
C LEU B 113 13.36 27.13 14.60
N VAL B 114 13.02 25.96 14.08
CA VAL B 114 11.95 25.84 13.10
C VAL B 114 10.80 25.11 13.75
N GLU B 115 9.69 25.81 13.94
CA GLU B 115 8.52 25.21 14.54
C GLU B 115 7.57 24.77 13.45
N GLY B 116 7.16 23.51 13.49
CA GLY B 116 6.15 23.01 12.58
C GLY B 116 4.74 23.35 13.06
N ALA B 117 3.76 22.81 12.33
CA ALA B 117 2.36 22.94 12.70
C ALA B 117 1.81 21.54 12.98
N GLY B 118 1.33 21.32 14.20
CA GLY B 118 0.95 19.99 14.63
C GLY B 118 2.14 19.06 14.84
N GLY B 119 2.21 18.00 14.04
CA GLY B 119 3.25 16.98 14.18
C GLY B 119 4.11 16.78 12.95
N LEU B 120 4.95 15.74 12.99
CA LEU B 120 6.09 15.64 12.06
C LEU B 120 5.68 15.40 10.59
N LEU B 121 4.58 14.69 10.34
CA LEU B 121 4.24 14.31 8.98
C LEU B 121 3.08 15.10 8.40
N VAL B 122 2.55 16.10 9.13
CA VAL B 122 1.49 16.93 8.56
C VAL B 122 2.08 17.76 7.42
N GLU B 123 1.32 17.91 6.36
CA GLU B 123 1.82 18.58 5.17
C GLU B 123 2.04 20.06 5.47
N LEU B 124 3.26 20.52 5.26
CA LEU B 124 3.61 21.91 5.49
C LEU B 124 3.72 22.71 4.21
N ALA B 125 4.09 22.09 3.09
CA ALA B 125 4.30 22.80 1.83
C ALA B 125 3.69 21.98 0.69
N GLU B 126 3.77 22.55 -0.55
CA GLU B 126 3.35 21.84 -1.76
C GLU B 126 4.57 21.19 -2.43
N PRO B 127 4.48 19.92 -2.83
CA PRO B 127 3.36 18.98 -2.61
C PRO B 127 3.67 17.90 -1.57
N GLY B 128 2.73 17.68 -0.64
CA GLY B 128 2.88 16.66 0.37
C GLY B 128 4.15 16.70 1.20
N VAL B 129 4.87 17.84 1.23
CA VAL B 129 6.17 17.91 1.89
C VAL B 129 5.97 18.30 3.36
N THR B 130 6.73 17.62 4.23
CA THR B 130 6.55 17.63 5.68
C THR B 130 7.73 18.34 6.33
N LEU B 131 7.59 18.57 7.64
CA LEU B 131 8.70 19.10 8.41
C LEU B 131 9.90 18.15 8.39
N ARG B 132 9.63 16.85 8.24
CA ARG B 132 10.70 15.88 8.12
C ARG B 132 11.53 16.13 6.87
N ASP B 133 10.86 16.39 5.74
CA ASP B 133 11.59 16.69 4.52
C ASP B 133 12.40 17.97 4.66
N VAL B 134 11.74 19.02 5.14
CA VAL B 134 12.42 20.27 5.45
C VAL B 134 13.66 20.00 6.30
N ALA B 135 13.46 19.31 7.43
CA ALA B 135 14.57 18.97 8.31
C ALA B 135 15.69 18.31 7.53
N VAL B 136 15.34 17.39 6.65
CA VAL B 136 16.32 16.78 5.75
C VAL B 136 17.01 17.85 4.92
N ASP B 137 16.21 18.64 4.20
CA ASP B 137 16.74 19.59 3.22
C ASP B 137 17.73 20.57 3.84
N VAL B 138 17.47 21.02 5.07
CA VAL B 138 18.37 21.98 5.73
C VAL B 138 19.37 21.29 6.65
N ALA B 139 19.36 19.96 6.71
CA ALA B 139 20.27 19.18 7.56
C ALA B 139 20.13 19.56 9.03
N ALA B 140 18.90 19.66 9.50
CA ALA B 140 18.62 19.97 10.89
C ALA B 140 18.25 18.70 11.65
N ALA B 141 18.62 18.67 12.94
CA ALA B 141 18.06 17.66 13.82
C ALA B 141 16.65 18.08 14.24
N ALA B 142 15.91 17.14 14.83
CA ALA B 142 14.57 17.43 15.32
C ALA B 142 14.55 17.27 16.83
N LEU B 143 14.19 18.35 17.52
CA LEU B 143 13.86 18.31 18.93
C LEU B 143 12.37 18.01 19.04
N VAL B 144 12.02 16.97 19.79
CA VAL B 144 10.67 16.43 19.78
C VAL B 144 9.98 16.83 21.08
N VAL B 145 8.92 17.58 20.98
CA VAL B 145 8.13 17.97 22.15
C VAL B 145 7.11 16.87 22.39
N VAL B 146 7.06 16.36 23.62
CA VAL B 146 6.21 15.24 23.95
C VAL B 146 5.41 15.60 25.20
N THR B 147 4.35 14.85 25.45
CA THR B 147 3.59 15.01 26.68
C THR B 147 4.06 14.00 27.73
N ALA B 148 3.54 14.18 28.93
CA ALA B 148 3.77 13.26 30.02
C ALA B 148 2.64 12.25 30.17
N ASP B 149 1.54 12.44 29.44
CA ASP B 149 0.31 11.69 29.68
C ASP B 149 0.31 10.35 28.96
N LEU B 150 -0.69 9.55 29.30
CA LEU B 150 -0.88 8.25 28.67
C LEU B 150 -0.89 8.41 27.16
N GLY B 151 -0.12 7.56 26.47
CA GLY B 151 -0.05 7.59 25.03
C GLY B 151 1.19 8.23 24.47
N THR B 152 1.95 8.90 25.32
CA THR B 152 3.12 9.60 24.83
C THR B 152 4.18 8.64 24.31
N LEU B 153 4.28 7.46 24.94
CA LEU B 153 5.33 6.51 24.59
C LEU B 153 5.14 6.00 23.17
N ASN B 154 3.93 5.57 22.83
CA ASN B 154 3.63 5.23 21.45
C ASN B 154 3.95 6.43 20.54
N HIS B 155 3.33 7.57 20.83
CA HIS B 155 3.52 8.76 19.98
C HIS B 155 5.01 9.11 19.82
N THR B 156 5.82 8.94 20.86
CA THR B 156 7.24 9.27 20.79
C THR B 156 8.01 8.22 20.00
N LYS B 157 7.75 6.95 20.29
CA LYS B 157 8.35 5.87 19.52
C LYS B 157 8.02 6.05 18.04
N LEU B 158 6.76 6.30 17.73
CA LEU B 158 6.36 6.56 16.36
C LEU B 158 7.16 7.70 15.76
N THR B 159 7.30 8.80 16.50
CA THR B 159 7.96 9.99 15.97
C THR B 159 9.44 9.73 15.73
N LEU B 160 10.14 9.14 16.71
CA LEU B 160 11.56 8.89 16.53
C LEU B 160 11.79 7.91 15.40
N GLU B 161 10.86 6.96 15.23
CA GLU B 161 10.96 6.03 14.11
C GLU B 161 10.85 6.79 12.79
N ALA B 162 9.83 7.64 12.68
CA ALA B 162 9.69 8.43 11.46
C ALA B 162 10.92 9.26 11.19
N LEU B 163 11.56 9.75 12.26
CA LEU B 163 12.76 10.58 12.13
C LEU B 163 13.92 9.77 11.59
N ALA B 164 14.22 8.65 12.27
CA ALA B 164 15.23 7.69 11.81
C ALA B 164 15.00 7.25 10.37
N ALA B 165 13.74 7.18 9.93
CA ALA B 165 13.44 6.64 8.62
C ALA B 165 14.03 7.50 7.51
N GLN B 166 14.15 8.79 7.73
CA GLN B 166 14.80 9.70 6.79
C GLN B 166 16.15 10.21 7.30
N GLN B 167 16.75 9.50 8.25
CA GLN B 167 18.07 9.85 8.81
C GLN B 167 18.10 11.25 9.42
N VAL B 168 16.96 11.74 9.87
CA VAL B 168 16.92 13.00 10.61
C VAL B 168 17.33 12.70 12.05
N SER B 169 18.49 13.21 12.46
CA SER B 169 18.96 13.04 13.82
C SER B 169 17.94 13.57 14.81
N CYS B 170 17.95 13.04 16.02
CA CYS B 170 17.05 13.47 17.08
C CYS B 170 17.83 14.17 18.17
N ALA B 171 17.52 15.43 18.39
CA ALA B 171 18.24 16.20 19.39
C ALA B 171 17.64 16.04 20.76
N GLY B 172 16.73 15.11 20.92
CA GLY B 172 16.16 14.80 22.22
C GLY B 172 14.69 15.15 22.28
N LEU B 173 14.12 14.95 23.46
CA LEU B 173 12.73 15.25 23.72
C LEU B 173 12.64 16.34 24.77
N VAL B 174 11.61 17.17 24.65
CA VAL B 174 11.20 18.04 25.73
C VAL B 174 9.79 17.65 26.09
N ILE B 175 9.50 17.56 27.39
CA ILE B 175 8.13 17.41 27.83
C ILE B 175 7.53 18.81 27.89
N GLY B 176 6.51 19.04 27.07
CA GLY B 176 5.93 20.38 26.98
C GLY B 176 5.31 20.89 28.26
N SER B 177 4.68 20.00 29.04
CA SER B 177 3.96 20.39 30.25
C SER B 177 4.15 19.29 31.28
N TRP B 178 4.95 19.56 32.31
CA TRP B 178 5.12 18.64 33.42
C TRP B 178 4.05 18.90 34.45
N PRO B 179 3.22 17.93 34.79
CA PRO B 179 2.10 18.20 35.69
C PRO B 179 2.58 18.29 37.13
N ASP B 180 1.79 19.00 37.92
CA ASP B 180 2.07 19.10 39.34
C ASP B 180 0.75 18.98 40.10
N PRO B 181 0.60 17.95 40.96
CA PRO B 181 1.60 16.90 41.20
C PRO B 181 1.75 15.96 39.99
N PRO B 182 2.95 15.41 39.82
CA PRO B 182 3.24 14.58 38.64
C PRO B 182 2.20 13.49 38.38
N GLY B 183 1.93 12.64 39.35
CA GLY B 183 1.01 11.56 39.10
C GLY B 183 1.73 10.32 38.59
N LEU B 184 1.08 9.18 38.81
CA LEU B 184 1.74 7.90 38.58
C LEU B 184 2.17 7.75 37.13
N VAL B 185 1.28 8.10 36.19
CA VAL B 185 1.57 7.92 34.77
C VAL B 185 2.72 8.81 34.33
N ALA B 186 2.63 10.10 34.69
CA ALA B 186 3.62 11.06 34.23
C ALA B 186 4.98 10.73 34.80
N ALA B 187 5.02 10.43 36.10
CA ALA B 187 6.26 10.02 36.73
C ALA B 187 6.84 8.81 36.02
N SER B 188 5.98 7.83 35.73
CA SER B 188 6.47 6.66 35.01
C SER B 188 6.99 7.06 33.63
N ASN B 189 6.20 7.86 32.91
CA ASN B 189 6.55 8.16 31.52
C ASN B 189 7.88 8.90 31.42
N ARG B 190 8.22 9.73 32.40
CA ARG B 190 9.47 10.46 32.32
C ARG B 190 10.65 9.51 32.35
N SER B 191 10.63 8.54 33.27
N SER B 191 10.62 8.52 33.25
CA SER B 191 11.65 7.48 33.25
CA SER B 191 11.67 7.51 33.23
C SER B 191 11.64 6.76 31.92
C SER B 191 11.65 6.71 31.93
N ALA B 192 10.45 6.36 31.46
CA ALA B 192 10.33 5.57 30.24
C ALA B 192 10.81 6.33 29.02
N LEU B 193 10.37 7.59 28.89
CA LEU B 193 10.78 8.45 27.79
C LEU B 193 12.30 8.57 27.71
N ALA B 194 12.96 8.75 28.86
CA ALA B 194 14.42 8.86 28.86
C ALA B 194 15.11 7.57 28.45
N ARG B 195 14.41 6.44 28.48
CA ARG B 195 15.01 5.22 27.94
C ARG B 195 15.01 5.25 26.41
N ILE B 196 14.20 6.12 25.82
CA ILE B 196 14.08 6.23 24.36
C ILE B 196 15.00 7.32 23.82
N ALA B 197 14.99 8.50 24.43
CA ALA B 197 15.84 9.59 23.97
C ALA B 197 16.12 10.53 25.14
N MET B 198 17.16 11.33 24.98
CA MET B 198 17.53 12.31 26.00
C MET B 198 16.40 13.30 26.21
N VAL B 199 16.02 13.48 27.45
CA VAL B 199 14.96 14.41 27.84
C VAL B 199 15.62 15.75 28.20
N ARG B 200 15.66 16.68 27.25
CA ARG B 200 16.37 17.95 27.46
C ARG B 200 15.77 18.78 28.58
N ALA B 201 14.45 18.69 28.80
CA ALA B 201 13.80 19.43 29.86
C ALA B 201 12.38 18.91 30.01
N ALA B 202 11.77 19.30 31.13
CA ALA B 202 10.35 19.07 31.37
C ALA B 202 9.78 20.40 31.86
N LEU B 203 9.10 21.10 30.97
CA LEU B 203 8.60 22.43 31.30
C LEU B 203 7.42 22.32 32.26
N PRO B 204 7.40 23.07 33.34
CA PRO B 204 6.30 22.93 34.28
C PRO B 204 5.00 23.36 33.65
N ALA B 205 3.94 22.65 34.00
CA ALA B 205 2.62 23.05 33.55
C ALA B 205 2.37 24.49 33.98
N GLY B 206 1.69 25.23 33.12
CA GLY B 206 1.48 26.64 33.38
C GLY B 206 2.57 27.56 32.90
N ALA B 207 3.62 27.02 32.26
CA ALA B 207 4.75 27.86 31.88
C ALA B 207 4.37 28.90 30.85
N ALA B 208 3.34 28.65 30.02
CA ALA B 208 2.99 29.59 28.97
C ALA B 208 2.32 30.86 29.51
N SER B 209 1.83 30.85 30.75
CA SER B 209 1.17 32.02 31.32
C SER B 209 2.12 32.95 32.05
N LEU B 210 3.38 32.54 32.22
CA LEU B 210 4.36 33.36 32.91
C LEU B 210 4.62 34.66 32.16
N ASP B 211 5.01 35.69 32.91
CA ASP B 211 5.55 36.89 32.30
C ASP B 211 6.96 36.60 31.78
N ALA B 212 7.43 37.48 30.88
CA ALA B 212 8.75 37.34 30.29
C ALA B 212 9.81 37.06 31.34
N GLY B 213 9.82 37.83 32.42
CA GLY B 213 10.90 37.69 33.38
C GLY B 213 10.85 36.37 34.12
N ASP B 214 9.67 35.94 34.53
CA ASP B 214 9.52 34.61 35.08
C ASP B 214 9.87 33.55 34.05
N PHE B 215 9.31 33.66 32.85
CA PHE B 215 9.56 32.64 31.83
C PHE B 215 11.05 32.50 31.53
N ALA B 216 11.81 33.58 31.65
CA ALA B 216 13.24 33.54 31.42
C ALA B 216 13.94 32.72 32.49
N ALA B 217 13.62 33.00 33.75
CA ALA B 217 14.11 32.20 34.87
C ALA B 217 13.77 30.73 34.68
N MET B 218 12.49 30.43 34.49
CA MET B 218 12.06 29.07 34.19
C MET B 218 12.96 28.45 33.13
N SER B 219 13.13 29.16 32.01
CA SER B 219 13.82 28.60 30.86
C SER B 219 15.27 28.27 31.20
N ALA B 220 15.97 29.20 31.86
CA ALA B 220 17.37 28.97 32.21
C ALA B 220 17.52 27.80 33.15
N ALA B 221 16.55 27.60 34.04
CA ALA B 221 16.58 26.48 34.96
C ALA B 221 16.11 25.18 34.32
N ALA B 222 15.39 25.26 33.18
CA ALA B 222 14.78 24.08 32.58
C ALA B 222 15.79 23.22 31.82
N PHE B 223 16.71 23.82 31.08
CA PHE B 223 17.61 23.04 30.25
C PHE B 223 18.98 22.94 30.89
N ASP B 224 19.64 21.81 30.64
CA ASP B 224 21.05 21.70 30.98
C ASP B 224 21.82 22.82 30.29
N ARG B 225 22.53 23.60 31.10
CA ARG B 225 23.25 24.77 30.59
C ARG B 225 24.26 24.38 29.52
N ASN B 226 25.05 23.34 29.76
CA ASN B 226 26.09 22.98 28.80
C ASN B 226 25.50 22.51 27.49
N TRP B 227 24.44 21.70 27.55
CA TRP B 227 23.77 21.30 26.32
C TRP B 227 23.37 22.53 25.51
N VAL B 228 22.66 23.47 26.16
CA VAL B 228 22.25 24.70 25.50
C VAL B 228 23.45 25.40 24.86
N ALA B 229 24.46 25.72 25.68
CA ALA B 229 25.65 26.38 25.17
C ALA B 229 26.36 25.52 24.13
N GLY B 230 26.31 24.22 24.28
CA GLY B 230 26.89 23.38 23.27
C GLY B 230 26.06 23.22 22.02
N LEU B 231 25.03 24.05 21.86
CA LEU B 231 24.14 23.87 20.71
C LEU B 231 24.66 24.55 19.47
N VAL B 232 25.52 25.57 19.61
CA VAL B 232 25.95 26.29 18.42
C VAL B 232 27.48 26.37 18.25
N HIS C 6 -20.63 12.62 -5.86
CA HIS C 6 -20.15 14.00 -5.78
C HIS C 6 -19.05 14.24 -6.83
N GLY C 7 -18.98 15.46 -7.39
CA GLY C 7 -17.99 15.77 -8.42
C GLY C 7 -18.40 15.29 -9.80
N GLY C 8 -17.41 15.15 -10.68
CA GLY C 8 -17.59 14.68 -12.06
C GLY C 8 -17.36 13.19 -12.23
N THR C 9 -16.97 12.79 -13.44
CA THR C 9 -16.66 11.38 -13.72
C THR C 9 -15.16 11.16 -13.75
N ILE C 10 -14.67 10.37 -12.81
CA ILE C 10 -13.28 9.95 -12.80
C ILE C 10 -13.20 8.59 -13.45
N LEU C 11 -12.32 8.46 -14.42
CA LEU C 11 -12.10 7.21 -15.13
C LEU C 11 -10.60 6.89 -15.06
N VAL C 12 -10.23 5.82 -14.33
CA VAL C 12 -8.86 5.34 -14.48
C VAL C 12 -8.78 4.54 -15.77
N VAL C 13 -7.79 4.89 -16.58
CA VAL C 13 -7.48 4.20 -17.81
C VAL C 13 -6.25 3.37 -17.52
N THR C 14 -6.42 2.06 -17.36
CA THR C 14 -5.27 1.21 -17.10
C THR C 14 -5.04 0.38 -18.35
N GLY C 15 -4.21 -0.64 -18.24
CA GLY C 15 -3.89 -1.44 -19.40
C GLY C 15 -3.38 -2.78 -18.91
N THR C 16 -3.31 -3.72 -19.83
CA THR C 16 -2.83 -5.03 -19.43
C THR C 16 -1.34 -5.03 -19.15
N GLY C 17 -0.65 -3.97 -19.52
CA GLY C 17 0.71 -3.76 -19.14
C GLY C 17 1.18 -2.44 -19.67
N THR C 18 2.47 -2.37 -19.99
CA THR C 18 3.05 -1.16 -20.51
C THR C 18 3.18 -1.29 -22.04
N GLY C 19 3.08 -0.14 -22.72
CA GLY C 19 3.07 -0.15 -24.15
C GLY C 19 1.86 -0.80 -24.79
N VAL C 20 0.72 -0.74 -24.13
CA VAL C 20 -0.50 -1.30 -24.71
C VAL C 20 -1.36 -0.23 -25.36
N GLY C 21 -1.06 1.05 -25.13
CA GLY C 21 -1.83 2.10 -25.75
C GLY C 21 -2.52 3.03 -24.78
N LYS C 22 -2.22 2.92 -23.49
CA LYS C 22 -2.94 3.73 -22.50
C LYS C 22 -2.95 5.20 -22.90
N THR C 23 -1.79 5.72 -23.34
CA THR C 23 -1.71 7.13 -23.73
C THR C 23 -2.61 7.44 -24.92
N VAL C 24 -2.48 6.68 -26.00
CA VAL C 24 -3.29 6.96 -27.17
C VAL C 24 -4.76 6.85 -26.85
N VAL C 25 -5.12 5.93 -25.95
CA VAL C 25 -6.53 5.77 -25.60
C VAL C 25 -7.00 6.97 -24.80
N CYS C 26 -6.21 7.41 -23.82
CA CYS C 26 -6.50 8.64 -23.08
C CYS C 26 -6.65 9.80 -24.03
N ALA C 27 -5.73 9.93 -24.99
CA ALA C 27 -5.87 10.95 -26.02
C ALA C 27 -7.14 10.73 -26.82
N ALA C 28 -7.37 9.51 -27.28
CA ALA C 28 -8.51 9.27 -28.16
C ALA C 28 -9.83 9.51 -27.43
N LEU C 29 -9.96 9.00 -26.21
CA LEU C 29 -11.21 9.21 -25.47
C LEU C 29 -11.40 10.68 -25.14
N ALA C 30 -10.36 11.33 -24.64
CA ALA C 30 -10.41 12.78 -24.39
C ALA C 30 -10.85 13.53 -25.62
N SER C 31 -10.28 13.20 -26.78
CA SER C 31 -10.66 13.87 -28.02
C SER C 31 -12.14 13.65 -28.33
N ALA C 32 -12.61 12.40 -28.19
CA ALA C 32 -14.02 12.11 -28.46
C ALA C 32 -14.92 12.85 -27.48
N ALA C 33 -14.54 12.92 -26.21
CA ALA C 33 -15.34 13.64 -25.23
C ALA C 33 -15.30 15.14 -25.48
N ARG C 34 -14.12 15.68 -25.74
CA ARG C 34 -14.00 17.08 -26.14
C ARG C 34 -15.03 17.40 -27.22
N GLN C 35 -15.08 16.59 -28.29
CA GLN C 35 -16.03 16.81 -29.36
C GLN C 35 -17.47 16.60 -28.92
N ALA C 36 -17.70 15.72 -27.96
CA ALA C 36 -19.03 15.50 -27.42
C ALA C 36 -19.52 16.66 -26.57
N GLY C 37 -18.77 17.76 -26.50
CA GLY C 37 -19.10 18.87 -25.63
C GLY C 37 -18.77 18.67 -24.17
N ILE C 38 -17.86 17.75 -23.84
CA ILE C 38 -17.55 17.39 -22.46
C ILE C 38 -16.24 18.06 -22.06
N ASP C 39 -16.23 18.65 -20.86
CA ASP C 39 -14.98 19.13 -20.31
C ASP C 39 -14.12 17.95 -19.88
N VAL C 40 -12.89 17.90 -20.39
CA VAL C 40 -12.00 16.76 -20.21
C VAL C 40 -10.71 17.25 -19.60
N ALA C 41 -10.28 16.58 -18.53
CA ALA C 41 -8.95 16.69 -18.01
C ALA C 41 -8.29 15.31 -18.06
N VAL C 42 -6.98 15.30 -18.28
CA VAL C 42 -6.26 14.05 -18.25
C VAL C 42 -5.14 14.17 -17.24
N CYS C 43 -5.01 13.13 -16.43
CA CYS C 43 -4.10 13.11 -15.31
C CYS C 43 -3.14 11.93 -15.43
N LYS C 44 -1.90 12.14 -15.01
CA LYS C 44 -0.85 11.11 -15.07
C LYS C 44 0.00 11.22 -13.80
N PRO C 45 -0.43 10.56 -12.72
CA PRO C 45 0.25 10.71 -11.43
C PRO C 45 1.70 10.26 -11.41
N VAL C 46 2.01 9.16 -12.07
CA VAL C 46 3.38 8.66 -12.14
C VAL C 46 3.77 8.55 -13.60
N GLN C 47 4.81 9.29 -13.96
CA GLN C 47 5.36 9.33 -15.31
C GLN C 47 6.81 8.87 -15.25
N THR C 48 7.10 7.72 -15.83
CA THR C 48 8.49 7.26 -15.89
C THR C 48 8.99 7.41 -17.32
N GLY C 49 10.25 7.02 -17.53
CA GLY C 49 10.81 7.04 -18.87
C GLY C 49 10.92 8.43 -19.48
N THR C 50 11.09 9.48 -18.68
CA THR C 50 11.40 10.77 -19.32
C THR C 50 12.77 10.74 -19.97
N ALA C 51 13.70 9.92 -19.46
CA ALA C 51 15.01 9.79 -20.09
C ALA C 51 14.90 9.22 -21.50
N ARG C 52 13.74 8.67 -21.84
CA ARG C 52 13.47 8.11 -23.14
C ARG C 52 12.62 9.03 -23.98
N GLY C 53 12.21 10.18 -23.44
CA GLY C 53 11.28 11.05 -24.11
C GLY C 53 9.84 10.88 -23.70
N ASP C 54 9.53 9.97 -22.77
CA ASP C 54 8.14 9.75 -22.39
C ASP C 54 7.59 10.98 -21.68
N ASP C 55 6.51 11.55 -22.24
CA ASP C 55 5.67 12.50 -21.53
C ASP C 55 4.24 12.26 -22.06
N ASP C 56 3.47 11.48 -21.31
CA ASP C 56 2.16 11.07 -21.79
C ASP C 56 1.19 12.25 -21.79
N LEU C 57 1.28 13.09 -20.76
CA LEU C 57 0.47 14.30 -20.74
C LEU C 57 0.76 15.19 -21.95
N ALA C 58 2.04 15.41 -22.26
CA ALA C 58 2.37 16.20 -23.45
C ALA C 58 1.80 15.55 -24.69
N GLU C 59 1.93 14.23 -24.79
CA GLU C 59 1.39 13.52 -25.94
C GLU C 59 -0.11 13.69 -26.05
N VAL C 60 -0.82 13.48 -24.94
CA VAL C 60 -2.27 13.68 -24.91
C VAL C 60 -2.61 15.10 -25.34
N GLY C 61 -1.91 16.09 -24.76
CA GLY C 61 -2.10 17.46 -25.22
C GLY C 61 -1.90 17.58 -26.71
N ARG C 62 -0.85 16.94 -27.23
CA ARG C 62 -0.52 17.03 -28.66
C ARG C 62 -1.60 16.39 -29.52
N LEU C 63 -2.00 15.17 -29.17
CA LEU C 63 -2.97 14.46 -29.99
C LEU C 63 -4.37 15.05 -29.84
N ALA C 64 -4.80 15.27 -28.60
CA ALA C 64 -6.20 15.56 -28.34
C ALA C 64 -6.46 17.04 -28.10
N GLY C 65 -5.40 17.83 -27.88
CA GLY C 65 -5.59 19.23 -27.60
C GLY C 65 -6.04 19.53 -26.19
N VAL C 66 -5.97 18.55 -25.29
CA VAL C 66 -6.33 18.80 -23.90
C VAL C 66 -5.35 19.81 -23.31
N THR C 67 -5.88 20.87 -22.71
CA THR C 67 -5.06 21.78 -21.95
C THR C 67 -5.05 21.45 -20.47
N GLN C 68 -6.11 20.80 -19.97
CA GLN C 68 -6.17 20.45 -18.56
C GLN C 68 -5.42 19.14 -18.35
N LEU C 69 -4.12 19.29 -18.07
CA LEU C 69 -3.19 18.18 -17.97
C LEU C 69 -2.47 18.29 -16.65
N ALA C 70 -2.40 17.19 -15.91
CA ALA C 70 -1.95 17.25 -14.53
C ALA C 70 -1.06 16.05 -14.24
N GLY C 71 0.20 16.32 -13.93
CA GLY C 71 1.12 15.32 -13.47
C GLY C 71 1.44 15.59 -12.01
N LEU C 72 2.12 14.61 -11.40
CA LEU C 72 2.67 14.74 -10.06
C LEU C 72 4.11 14.23 -10.07
N ALA C 73 4.26 12.92 -10.18
CA ALA C 73 5.57 12.31 -10.14
C ALA C 73 6.06 12.08 -11.56
N ARG C 74 7.36 12.32 -11.75
CA ARG C 74 8.05 12.14 -13.01
C ARG C 74 9.43 11.60 -12.69
N TYR C 75 9.83 10.55 -13.39
CA TYR C 75 11.12 9.92 -13.16
C TYR C 75 11.79 9.68 -14.49
N PRO C 76 13.10 9.71 -14.52
CA PRO C 76 13.82 9.59 -15.80
C PRO C 76 13.73 8.18 -16.40
N GLN C 77 14.04 7.15 -15.61
CA GLN C 77 14.25 5.83 -16.21
C GLN C 77 12.92 5.16 -16.55
N PRO C 78 12.85 4.47 -17.70
CA PRO C 78 11.69 3.64 -18.07
C PRO C 78 11.67 2.33 -17.31
N MET C 79 11.55 2.43 -16.01
CA MET C 79 11.44 1.29 -15.12
C MET C 79 10.07 1.30 -14.48
N ALA C 80 9.86 0.37 -13.57
CA ALA C 80 8.75 0.46 -12.65
C ALA C 80 8.97 1.65 -11.72
N PRO C 81 7.93 2.42 -11.44
CA PRO C 81 8.08 3.68 -10.72
C PRO C 81 9.05 3.61 -9.54
N ALA C 82 8.86 2.61 -8.67
CA ALA C 82 9.75 2.45 -7.53
C ALA C 82 11.20 2.29 -7.97
N ALA C 83 11.42 1.42 -8.96
CA ALA C 83 12.75 1.27 -9.55
C ALA C 83 13.22 2.58 -10.17
N ALA C 84 12.36 3.22 -10.96
CA ALA C 84 12.71 4.52 -11.50
C ALA C 84 12.99 5.52 -10.39
N ALA C 85 12.13 5.53 -9.36
CA ALA C 85 12.34 6.46 -8.25
C ALA C 85 13.61 6.14 -7.50
N GLU C 86 13.87 4.84 -7.26
CA GLU C 86 15.13 4.48 -6.61
C GLU C 86 16.32 4.99 -7.41
N HIS C 87 16.35 4.67 -8.71
CA HIS C 87 17.47 5.00 -9.58
C HIS C 87 17.74 6.51 -9.60
N ALA C 88 16.69 7.31 -9.51
CA ALA C 88 16.78 8.77 -9.52
C ALA C 88 17.07 9.37 -8.15
N GLY C 89 17.12 8.57 -7.10
CA GLY C 89 17.26 9.11 -5.77
C GLY C 89 16.03 9.81 -5.23
N MET C 90 14.87 9.58 -5.82
CA MET C 90 13.63 10.20 -5.37
C MET C 90 12.76 9.14 -4.69
N ALA C 91 11.62 9.61 -4.18
CA ALA C 91 10.59 8.78 -3.59
C ALA C 91 9.42 8.63 -4.54
N LEU C 92 8.60 7.61 -4.32
CA LEU C 92 7.32 7.58 -4.96
C LEU C 92 6.44 8.68 -4.39
N PRO C 93 5.43 9.12 -5.13
CA PRO C 93 4.49 10.08 -4.56
C PRO C 93 3.76 9.43 -3.40
N ALA C 94 3.31 10.27 -2.47
CA ALA C 94 2.40 9.79 -1.44
C ALA C 94 1.03 9.50 -2.04
N ARG C 95 0.42 8.43 -1.59
CA ARG C 95 -0.91 8.06 -2.06
C ARG C 95 -1.90 9.21 -1.93
N ASP C 96 -1.85 9.95 -0.82
CA ASP C 96 -2.79 11.05 -0.69
C ASP C 96 -2.46 12.21 -1.61
N GLN C 97 -1.21 12.31 -2.10
CA GLN C 97 -0.92 13.28 -3.16
C GLN C 97 -1.56 12.83 -4.47
N ILE C 98 -1.41 11.55 -4.82
CA ILE C 98 -2.07 11.04 -6.02
C ILE C 98 -3.56 11.33 -5.94
N VAL C 99 -4.18 11.01 -4.81
CA VAL C 99 -5.62 11.16 -4.71
C VAL C 99 -6.00 12.64 -4.71
N ARG C 100 -5.25 13.48 -3.98
CA ARG C 100 -5.52 14.92 -4.00
C ARG C 100 -5.42 15.49 -5.40
N LEU C 101 -4.40 15.07 -6.16
CA LEU C 101 -4.25 15.51 -7.55
C LEU C 101 -5.48 15.15 -8.39
N ILE C 102 -6.01 13.95 -8.19
CA ILE C 102 -7.20 13.56 -8.94
C ILE C 102 -8.40 14.37 -8.49
N ALA C 103 -8.61 14.45 -7.18
CA ALA C 103 -9.80 15.09 -6.63
C ALA C 103 -9.86 16.58 -6.98
N ASP C 104 -8.73 17.28 -6.83
CA ASP C 104 -8.68 18.67 -7.25
C ASP C 104 -8.98 18.81 -8.74
N LEU C 105 -8.54 17.83 -9.53
CA LEU C 105 -8.86 17.83 -10.96
C LEU C 105 -10.33 17.58 -11.24
N ASP C 106 -11.03 16.91 -10.32
CA ASP C 106 -12.36 16.41 -10.57
C ASP C 106 -13.39 17.48 -10.23
N ARG C 107 -14.19 17.87 -11.21
N ARG C 107 -14.19 17.88 -11.20
CA ARG C 107 -15.27 18.84 -11.03
CA ARG C 107 -15.28 18.81 -10.96
C ARG C 107 -16.51 18.29 -11.71
C ARG C 107 -16.51 18.33 -11.72
N PRO C 108 -17.71 18.72 -11.27
CA PRO C 108 -18.95 18.23 -11.91
C PRO C 108 -19.02 18.58 -13.39
N GLY C 109 -19.59 17.67 -14.17
CA GLY C 109 -19.64 17.83 -15.60
C GLY C 109 -18.34 17.53 -16.32
N ARG C 110 -17.29 17.13 -15.60
CA ARG C 110 -15.99 16.87 -16.19
C ARG C 110 -15.69 15.37 -16.24
N LEU C 111 -15.04 14.94 -17.32
CA LEU C 111 -14.50 13.59 -17.45
C LEU C 111 -13.00 13.69 -17.21
N THR C 112 -12.57 13.29 -16.01
CA THR C 112 -11.15 13.27 -15.65
C THR C 112 -10.60 11.88 -15.93
N LEU C 113 -9.66 11.78 -16.85
CA LEU C 113 -8.99 10.50 -17.11
C LEU C 113 -7.68 10.46 -16.35
N VAL C 114 -7.42 9.35 -15.70
CA VAL C 114 -6.18 9.20 -14.98
C VAL C 114 -5.46 8.00 -15.58
N GLU C 115 -4.44 8.29 -16.38
CA GLU C 115 -3.64 7.25 -17.02
C GLU C 115 -2.68 6.67 -16.00
N GLY C 116 -2.77 5.37 -15.80
CA GLY C 116 -1.87 4.69 -14.90
C GLY C 116 -0.48 4.61 -15.49
N ALA C 117 0.34 3.80 -14.83
CA ALA C 117 1.71 3.53 -15.26
C ALA C 117 1.87 2.03 -15.34
N GLY C 118 2.23 1.52 -16.52
CA GLY C 118 2.25 0.08 -16.63
C GLY C 118 0.86 -0.50 -16.52
N GLY C 119 0.78 -1.75 -16.08
CA GLY C 119 -0.48 -2.41 -15.86
C GLY C 119 -1.12 -1.98 -14.55
N LEU C 120 -2.21 -2.67 -14.22
CA LEU C 120 -3.10 -2.21 -13.18
C LEU C 120 -2.47 -2.30 -11.79
N LEU C 121 -1.67 -3.34 -11.53
CA LEU C 121 -1.12 -3.55 -10.19
C LEU C 121 0.30 -2.98 -10.05
N VAL C 122 0.71 -2.07 -10.94
CA VAL C 122 1.97 -1.39 -10.73
C VAL C 122 1.91 -0.58 -9.44
N GLU C 123 2.98 -0.62 -8.64
CA GLU C 123 3.07 0.18 -7.43
C GLU C 123 3.30 1.64 -7.82
N LEU C 124 2.32 2.50 -7.54
CA LEU C 124 2.46 3.93 -7.77
C LEU C 124 2.79 4.70 -6.49
N ALA C 125 2.69 4.06 -5.33
CA ALA C 125 2.90 4.71 -4.04
C ALA C 125 3.13 3.62 -3.00
N GLU C 126 3.98 3.92 -2.03
N GLU C 126 3.99 3.92 -2.03
CA GLU C 126 4.29 3.03 -0.95
CA GLU C 126 4.31 3.02 -0.94
C GLU C 126 3.14 2.97 0.06
C GLU C 126 3.16 2.97 0.06
N PRO C 127 2.83 1.77 0.59
CA PRO C 127 3.48 0.53 0.16
C PRO C 127 2.55 -0.28 -0.72
N GLY C 128 2.99 -0.53 -1.96
CA GLY C 128 2.19 -1.33 -2.87
C GLY C 128 0.82 -0.75 -3.17
N VAL C 129 0.70 0.58 -3.16
CA VAL C 129 -0.52 1.27 -3.63
C VAL C 129 -0.58 1.22 -5.15
N THR C 130 -1.71 0.76 -5.68
CA THR C 130 -1.89 0.62 -7.11
C THR C 130 -2.97 1.57 -7.61
N LEU C 131 -3.03 1.71 -8.94
CA LEU C 131 -4.14 2.41 -9.58
C LEU C 131 -5.48 1.77 -9.23
N ARG C 132 -5.50 0.47 -8.96
CA ARG C 132 -6.72 -0.13 -8.45
C ARG C 132 -7.13 0.51 -7.13
N ASP C 133 -6.20 0.58 -6.16
CA ASP C 133 -6.51 1.22 -4.88
C ASP C 133 -6.99 2.66 -5.08
N VAL C 134 -6.35 3.37 -6.00
CA VAL C 134 -6.70 4.75 -6.27
C VAL C 134 -8.10 4.85 -6.86
N ALA C 135 -8.43 3.96 -7.80
CA ALA C 135 -9.79 3.97 -8.34
C ALA C 135 -10.79 3.82 -7.22
N VAL C 136 -10.49 2.94 -6.25
CA VAL C 136 -11.38 2.81 -5.11
C VAL C 136 -11.48 4.15 -4.36
N ASP C 137 -10.33 4.78 -4.07
CA ASP C 137 -10.35 5.99 -3.28
C ASP C 137 -11.18 7.09 -3.92
N VAL C 138 -11.18 7.16 -5.25
CA VAL C 138 -11.89 8.21 -5.97
C VAL C 138 -13.10 7.67 -6.71
N ALA C 139 -13.56 6.47 -6.37
CA ALA C 139 -14.75 5.86 -6.94
C ALA C 139 -14.75 5.94 -8.47
N ALA C 140 -13.62 5.54 -9.07
CA ALA C 140 -13.45 5.53 -10.52
C ALA C 140 -13.71 4.15 -11.09
N ALA C 141 -14.36 4.13 -12.26
CA ALA C 141 -14.36 2.92 -13.07
C ALA C 141 -13.04 2.83 -13.83
N ALA C 142 -12.78 1.65 -14.37
CA ALA C 142 -11.51 1.37 -15.01
C ALA C 142 -11.79 1.03 -16.47
N LEU C 143 -11.30 1.87 -17.37
CA LEU C 143 -11.22 1.50 -18.76
C LEU C 143 -9.91 0.76 -18.96
N VAL C 144 -9.97 -0.38 -19.63
CA VAL C 144 -8.82 -1.28 -19.68
C VAL C 144 -8.29 -1.32 -21.11
N VAL C 145 -7.05 -0.85 -21.29
CA VAL C 145 -6.42 -0.82 -22.60
C VAL C 145 -5.72 -2.16 -22.84
N VAL C 146 -6.08 -2.82 -23.93
CA VAL C 146 -5.62 -4.18 -24.21
C VAL C 146 -5.02 -4.26 -25.61
N THR C 147 -4.12 -5.23 -25.82
CA THR C 147 -3.62 -5.47 -27.17
C THR C 147 -4.52 -6.47 -27.88
N ALA C 148 -4.20 -6.69 -29.16
CA ALA C 148 -4.82 -7.75 -29.93
C ALA C 148 -3.88 -8.92 -30.15
N ASP C 149 -2.75 -8.94 -29.46
CA ASP C 149 -1.72 -9.94 -29.68
C ASP C 149 -1.95 -11.15 -28.79
N LEU C 150 -1.21 -12.22 -29.09
CA LEU C 150 -1.20 -13.40 -28.24
C LEU C 150 -0.97 -12.99 -26.79
N GLY C 151 -1.72 -13.58 -25.87
CA GLY C 151 -1.59 -13.30 -24.46
C GLY C 151 -2.50 -12.21 -23.95
N THR C 152 -3.12 -11.44 -24.84
CA THR C 152 -4.00 -10.37 -24.39
C THR C 152 -5.18 -10.92 -23.61
N LEU C 153 -5.69 -12.09 -24.01
CA LEU C 153 -6.84 -12.66 -23.33
C LEU C 153 -6.53 -12.94 -21.87
N ASN C 154 -5.47 -13.70 -21.62
CA ASN C 154 -5.05 -13.97 -20.26
C ASN C 154 -4.84 -12.67 -19.48
N HIS C 155 -4.01 -11.79 -20.03
CA HIS C 155 -3.74 -10.54 -19.32
C HIS C 155 -5.04 -9.78 -19.05
N THR C 156 -5.92 -9.71 -20.05
CA THR C 156 -7.20 -9.03 -19.85
C THR C 156 -8.01 -9.69 -18.75
N LYS C 157 -8.19 -11.01 -18.84
CA LYS C 157 -9.01 -11.70 -17.84
C LYS C 157 -8.45 -11.50 -16.45
N LEU C 158 -7.12 -11.66 -16.29
CA LEU C 158 -6.50 -11.37 -15.00
C LEU C 158 -6.83 -9.97 -14.54
N THR C 159 -6.81 -9.02 -15.45
CA THR C 159 -6.99 -7.63 -15.06
C THR C 159 -8.43 -7.38 -14.65
N LEU C 160 -9.38 -7.84 -15.48
CA LEU C 160 -10.80 -7.79 -15.13
C LEU C 160 -11.05 -8.44 -13.78
N GLU C 161 -10.50 -9.63 -13.56
CA GLU C 161 -10.64 -10.25 -12.26
C GLU C 161 -10.18 -9.31 -11.15
N ALA C 162 -9.04 -8.68 -11.34
CA ALA C 162 -8.52 -7.82 -10.27
C ALA C 162 -9.39 -6.58 -10.08
N LEU C 163 -9.97 -6.04 -11.17
CA LEU C 163 -10.93 -4.96 -10.98
C LEU C 163 -12.16 -5.46 -10.23
N ALA C 164 -12.69 -6.61 -10.61
CA ALA C 164 -13.89 -7.11 -9.94
C ALA C 164 -13.60 -7.49 -8.49
N ALA C 165 -12.42 -8.04 -8.23
CA ALA C 165 -12.04 -8.42 -6.88
C ALA C 165 -12.09 -7.25 -5.92
N GLN C 166 -11.90 -6.04 -6.42
CA GLN C 166 -12.02 -4.86 -5.57
C GLN C 166 -13.26 -4.03 -5.89
N GLN C 167 -14.28 -4.66 -6.51
CA GLN C 167 -15.55 -4.00 -6.84
C GLN C 167 -15.29 -2.67 -7.55
N VAL C 168 -14.34 -2.67 -8.49
CA VAL C 168 -14.03 -1.53 -9.33
C VAL C 168 -14.61 -1.82 -10.71
N SER C 169 -15.58 -1.02 -11.10
CA SER C 169 -16.33 -1.27 -12.31
C SER C 169 -15.40 -1.22 -13.51
N CYS C 170 -15.67 -2.05 -14.49
CA CYS C 170 -14.91 -2.02 -15.73
C CYS C 170 -15.71 -1.24 -16.76
N ALA C 171 -15.26 -0.03 -17.06
CA ALA C 171 -15.88 0.79 -18.10
C ALA C 171 -15.75 0.19 -19.49
N GLY C 172 -14.95 -0.84 -19.67
CA GLY C 172 -14.85 -1.50 -20.95
C GLY C 172 -13.40 -1.71 -21.33
N LEU C 173 -13.21 -2.14 -22.57
CA LEU C 173 -11.89 -2.38 -23.10
C LEU C 173 -11.66 -1.49 -24.30
N VAL C 174 -10.39 -1.15 -24.53
CA VAL C 174 -9.99 -0.53 -25.77
C VAL C 174 -8.79 -1.30 -26.31
N ILE C 175 -8.87 -1.73 -27.56
CA ILE C 175 -7.70 -2.29 -28.22
C ILE C 175 -6.82 -1.12 -28.62
N GLY C 176 -5.65 -1.03 -28.00
CA GLY C 176 -4.77 0.11 -28.21
C GLY C 176 -4.20 0.22 -29.62
N SER C 177 -4.00 -0.89 -30.30
CA SER C 177 -3.59 -0.82 -31.69
C SER C 177 -4.34 -1.87 -32.49
N TRP C 178 -5.15 -1.42 -33.43
CA TRP C 178 -5.88 -2.34 -34.27
C TRP C 178 -5.20 -2.44 -35.61
N PRO C 179 -4.55 -3.55 -35.95
CA PRO C 179 -3.91 -3.66 -37.26
C PRO C 179 -4.95 -3.73 -38.38
N ASP C 180 -4.50 -3.35 -39.57
CA ASP C 180 -5.38 -3.45 -40.72
C ASP C 180 -4.56 -3.73 -41.97
N PRO C 181 -4.76 -4.89 -42.62
CA PRO C 181 -5.77 -5.88 -42.22
C PRO C 181 -5.42 -6.67 -40.95
N PRO C 182 -6.44 -7.16 -40.25
CA PRO C 182 -6.22 -7.94 -39.04
C PRO C 182 -6.00 -9.42 -39.27
N GLY C 183 -4.88 -9.95 -38.78
CA GLY C 183 -4.57 -11.36 -38.96
C GLY C 183 -5.46 -12.26 -38.13
N LEU C 184 -5.14 -13.56 -38.15
CA LEU C 184 -5.93 -14.54 -37.42
C LEU C 184 -5.94 -14.24 -35.92
N VAL C 185 -4.75 -14.18 -35.32
CA VAL C 185 -4.65 -13.94 -33.88
C VAL C 185 -5.40 -12.67 -33.50
N ALA C 186 -5.11 -11.57 -34.19
CA ALA C 186 -5.78 -10.30 -33.92
C ALA C 186 -7.29 -10.43 -34.07
N ALA C 187 -7.74 -11.02 -35.18
CA ALA C 187 -9.17 -11.14 -35.41
C ALA C 187 -9.81 -12.01 -34.33
N SER C 188 -9.19 -13.14 -34.02
CA SER C 188 -9.75 -14.04 -33.01
C SER C 188 -9.79 -13.36 -31.64
N ASN C 189 -8.69 -12.75 -31.22
CA ASN C 189 -8.65 -12.05 -29.94
C ASN C 189 -9.74 -10.98 -29.84
N ARG C 190 -10.01 -10.27 -30.93
CA ARG C 190 -11.07 -9.26 -30.88
C ARG C 190 -12.44 -9.88 -30.62
N SER C 191 -12.72 -11.03 -31.22
CA SER C 191 -13.98 -11.70 -30.86
C SER C 191 -13.93 -12.18 -29.43
N ALA C 192 -12.80 -12.76 -29.02
CA ALA C 192 -12.68 -13.24 -27.64
C ALA C 192 -12.82 -12.09 -26.65
N LEU C 193 -12.16 -10.97 -26.90
CA LEU C 193 -12.25 -9.84 -25.99
C LEU C 193 -13.68 -9.35 -25.85
N ALA C 194 -14.39 -9.23 -26.98
CA ALA C 194 -15.77 -8.74 -26.93
C ALA C 194 -16.66 -9.66 -26.11
N ARG C 195 -16.34 -10.95 -26.04
CA ARG C 195 -17.05 -11.86 -25.16
C ARG C 195 -16.58 -11.78 -23.72
N ILE C 196 -15.58 -10.95 -23.41
CA ILE C 196 -15.13 -10.76 -22.05
C ILE C 196 -15.64 -9.44 -21.48
N ALA C 197 -15.73 -8.41 -22.31
CA ALA C 197 -16.20 -7.11 -21.85
C ALA C 197 -16.52 -6.28 -23.08
N MET C 198 -17.21 -5.17 -22.84
CA MET C 198 -17.47 -4.20 -23.89
C MET C 198 -16.17 -3.69 -24.49
N VAL C 199 -15.94 -3.96 -25.77
CA VAL C 199 -14.85 -3.31 -26.49
C VAL C 199 -15.37 -1.95 -26.95
N ARG C 200 -14.95 -0.89 -26.26
CA ARG C 200 -15.49 0.45 -26.50
C ARG C 200 -14.96 1.06 -27.79
N ALA C 201 -13.77 0.64 -28.23
CA ALA C 201 -13.16 1.14 -29.46
C ALA C 201 -11.95 0.27 -29.71
N ALA C 202 -11.47 0.29 -30.96
CA ALA C 202 -10.29 -0.46 -31.40
C ALA C 202 -9.46 0.51 -32.24
N LEU C 203 -8.51 1.18 -31.59
CA LEU C 203 -7.83 2.30 -32.24
C LEU C 203 -6.96 1.80 -33.39
N PRO C 204 -7.06 2.42 -34.57
CA PRO C 204 -6.19 2.03 -35.69
C PRO C 204 -4.73 2.06 -35.29
N ALA C 205 -3.95 1.16 -35.87
CA ALA C 205 -2.52 1.18 -35.69
C ALA C 205 -1.94 2.50 -36.18
N GLY C 206 -0.97 3.03 -35.45
CA GLY C 206 -0.31 4.26 -35.83
C GLY C 206 -1.08 5.52 -35.51
N ALA C 207 -2.09 5.42 -34.65
CA ALA C 207 -2.90 6.60 -34.33
C ALA C 207 -2.07 7.67 -33.64
N ALA C 208 -1.07 7.27 -32.84
CA ALA C 208 -0.26 8.25 -32.12
C ALA C 208 0.56 9.13 -33.05
N SER C 209 0.63 8.80 -34.33
CA SER C 209 1.32 9.58 -35.34
C SER C 209 0.36 10.41 -36.19
N LEU C 210 -0.88 10.54 -35.76
CA LEU C 210 -1.86 11.26 -36.55
C LEU C 210 -1.75 12.76 -36.33
N ASP C 211 -1.84 13.51 -37.42
CA ASP C 211 -2.22 14.91 -37.37
C ASP C 211 -3.37 15.06 -36.38
N ALA C 212 -3.29 16.11 -35.55
CA ALA C 212 -4.33 16.34 -34.53
C ALA C 212 -5.72 16.47 -35.14
N GLY C 213 -5.81 16.91 -36.39
CA GLY C 213 -7.10 16.89 -37.07
C GLY C 213 -7.55 15.48 -37.43
N ASP C 214 -6.64 14.65 -37.95
CA ASP C 214 -7.00 13.27 -38.24
C ASP C 214 -7.23 12.48 -36.96
N PHE C 215 -6.45 12.79 -35.91
CA PHE C 215 -6.67 12.12 -34.63
C PHE C 215 -8.05 12.43 -34.08
N ALA C 216 -8.48 13.69 -34.21
CA ALA C 216 -9.81 14.08 -33.74
C ALA C 216 -10.90 13.33 -34.49
N ALA C 217 -10.78 13.25 -35.82
CA ALA C 217 -11.74 12.50 -36.61
C ALA C 217 -11.72 11.03 -36.23
N MET C 218 -10.53 10.42 -36.22
CA MET C 218 -10.38 9.03 -35.80
C MET C 218 -11.07 8.77 -34.47
N SER C 219 -10.77 9.61 -33.46
CA SER C 219 -11.31 9.41 -32.11
C SER C 219 -12.84 9.47 -32.13
N ALA C 220 -13.39 10.43 -32.87
CA ALA C 220 -14.84 10.49 -33.01
C ALA C 220 -15.37 9.24 -33.72
N ALA C 221 -14.64 8.73 -34.71
CA ALA C 221 -15.03 7.48 -35.36
C ALA C 221 -14.80 6.26 -34.48
N ALA C 222 -13.87 6.35 -33.54
CA ALA C 222 -13.46 5.21 -32.76
C ALA C 222 -14.50 4.82 -31.71
N PHE C 223 -15.13 5.80 -31.09
CA PHE C 223 -15.99 5.52 -29.96
C PHE C 223 -17.46 5.72 -30.31
N ASP C 224 -18.32 5.06 -29.56
CA ASP C 224 -19.74 5.35 -29.68
C ASP C 224 -20.05 6.67 -28.98
N ARG C 225 -20.62 7.62 -29.73
CA ARG C 225 -20.87 8.94 -29.19
C ARG C 225 -21.82 8.87 -28.01
N ASN C 226 -22.86 8.04 -28.10
CA ASN C 226 -23.79 7.90 -27.00
C ASN C 226 -23.08 7.40 -25.74
N TRP C 227 -22.30 6.33 -25.88
CA TRP C 227 -21.44 5.89 -24.78
C TRP C 227 -20.60 7.04 -24.22
N VAL C 228 -19.97 7.82 -25.10
CA VAL C 228 -19.05 8.86 -24.67
C VAL C 228 -19.79 9.99 -23.95
N ALA C 229 -20.80 10.58 -24.60
CA ALA C 229 -21.63 11.56 -23.92
C ALA C 229 -22.22 10.99 -22.63
N GLY C 230 -22.49 9.70 -22.59
CA GLY C 230 -23.03 9.07 -21.42
C GLY C 230 -22.11 9.06 -20.22
N LEU C 231 -20.83 9.40 -20.40
CA LEU C 231 -19.86 9.23 -19.32
C LEU C 231 -20.00 10.25 -18.20
N VAL C 232 -20.57 11.44 -18.47
CA VAL C 232 -20.81 12.42 -17.42
C VAL C 232 -22.28 12.52 -17.00
N GLY C 233 -23.22 12.03 -17.82
CA GLY C 233 -24.62 12.06 -17.44
C GLY C 233 -25.61 11.47 -18.42
N HIS D 6 -1.42 -40.40 0.84
CA HIS D 6 -1.12 -39.00 0.52
C HIS D 6 -0.75 -38.80 -0.95
N GLY D 7 -0.35 -39.89 -1.63
CA GLY D 7 -0.04 -39.77 -3.06
C GLY D 7 1.28 -39.06 -3.35
N GLY D 8 1.38 -38.54 -4.59
CA GLY D 8 2.53 -37.76 -5.01
C GLY D 8 2.24 -36.27 -4.99
N THR D 9 3.15 -35.51 -5.58
CA THR D 9 3.01 -34.07 -5.68
C THR D 9 2.71 -33.67 -7.11
N ILE D 10 1.56 -33.02 -7.31
CA ILE D 10 1.22 -32.40 -8.59
C ILE D 10 1.45 -30.91 -8.49
N LEU D 11 2.13 -30.37 -9.51
CA LEU D 11 2.42 -28.95 -9.63
C LEU D 11 1.99 -28.51 -11.00
N VAL D 12 1.09 -27.53 -11.08
CA VAL D 12 0.91 -26.88 -12.37
C VAL D 12 2.01 -25.85 -12.53
N VAL D 13 2.57 -25.77 -13.73
CA VAL D 13 3.61 -24.82 -14.07
C VAL D 13 2.97 -23.82 -15.01
N THR D 14 2.62 -22.66 -14.49
CA THR D 14 1.99 -21.63 -15.28
C THR D 14 2.98 -20.49 -15.54
N GLY D 15 2.47 -19.37 -16.02
CA GLY D 15 3.35 -18.31 -16.42
C GLY D 15 2.58 -17.02 -16.48
N THR D 16 3.31 -15.92 -16.49
CA THR D 16 2.65 -14.63 -16.55
C THR D 16 2.08 -14.33 -17.92
N GLY D 17 2.40 -15.17 -18.89
CA GLY D 17 1.98 -14.93 -20.25
C GLY D 17 2.56 -15.98 -21.14
N THR D 18 2.67 -15.67 -22.42
CA THR D 18 3.18 -16.62 -23.39
C THR D 18 4.66 -16.33 -23.67
N GLY D 19 5.41 -17.39 -24.00
CA GLY D 19 6.81 -17.22 -24.27
C GLY D 19 7.69 -16.81 -23.10
N VAL D 20 7.27 -17.08 -21.85
CA VAL D 20 8.04 -16.66 -20.69
C VAL D 20 8.92 -17.76 -20.12
N GLY D 21 8.98 -18.92 -20.75
CA GLY D 21 9.87 -19.97 -20.33
C GLY D 21 9.24 -21.10 -19.56
N LYS D 22 7.94 -21.33 -19.75
CA LYS D 22 7.27 -22.39 -18.98
C LYS D 22 7.92 -23.74 -19.27
N THR D 23 8.04 -24.08 -20.57
CA THR D 23 8.61 -25.36 -20.93
C THR D 23 9.99 -25.52 -20.29
N VAL D 24 10.89 -24.57 -20.51
CA VAL D 24 12.26 -24.77 -20.05
C VAL D 24 12.27 -24.91 -18.54
N VAL D 25 11.34 -24.24 -17.87
CA VAL D 25 11.30 -24.39 -16.43
C VAL D 25 10.81 -25.78 -16.08
N CYS D 26 9.75 -26.24 -16.74
CA CYS D 26 9.32 -27.63 -16.58
C CYS D 26 10.50 -28.57 -16.71
N ALA D 27 11.27 -28.41 -17.79
CA ALA D 27 12.44 -29.26 -18.00
C ALA D 27 13.45 -29.11 -16.85
N ALA D 28 13.79 -27.86 -16.50
CA ALA D 28 14.80 -27.63 -15.48
C ALA D 28 14.35 -28.23 -14.15
N LEU D 29 13.09 -28.01 -13.78
CA LEU D 29 12.67 -28.60 -12.51
C LEU D 29 12.53 -30.11 -12.65
N ALA D 30 12.13 -30.60 -13.82
CA ALA D 30 12.19 -32.04 -14.05
C ALA D 30 13.58 -32.57 -13.76
N SER D 31 14.59 -31.97 -14.39
CA SER D 31 15.95 -32.47 -14.23
C SER D 31 16.36 -32.46 -12.78
N ALA D 32 16.19 -31.31 -12.11
CA ALA D 32 16.66 -31.18 -10.74
C ALA D 32 15.98 -32.17 -9.79
N ALA D 33 14.73 -32.55 -10.08
CA ALA D 33 14.05 -33.54 -9.25
C ALA D 33 14.50 -34.95 -9.58
N ARG D 34 14.59 -35.28 -10.87
CA ARG D 34 15.16 -36.56 -11.25
C ARG D 34 16.52 -36.77 -10.58
N GLN D 35 17.38 -35.75 -10.65
CA GLN D 35 18.68 -35.82 -9.99
C GLN D 35 18.54 -36.10 -8.50
N ALA D 36 17.63 -35.40 -7.82
CA ALA D 36 17.42 -35.66 -6.40
C ALA D 36 16.72 -36.98 -6.15
N GLY D 37 16.56 -37.77 -7.21
CA GLY D 37 16.00 -39.08 -7.08
C GLY D 37 14.50 -39.11 -7.16
N ILE D 38 13.89 -38.05 -7.67
CA ILE D 38 12.44 -37.97 -7.74
C ILE D 38 12.01 -38.39 -9.13
N ASP D 39 11.08 -39.33 -9.21
CA ASP D 39 10.45 -39.65 -10.48
C ASP D 39 9.57 -38.49 -10.91
N VAL D 40 9.66 -38.13 -12.19
CA VAL D 40 9.04 -36.93 -12.69
C VAL D 40 8.22 -37.28 -13.92
N ALA D 41 6.98 -36.86 -13.93
CA ALA D 41 6.17 -36.88 -15.14
C ALA D 41 5.73 -35.46 -15.45
N VAL D 42 5.62 -35.15 -16.73
CA VAL D 42 5.11 -33.86 -17.18
C VAL D 42 3.87 -34.10 -18.04
N CYS D 43 2.82 -33.31 -17.79
CA CYS D 43 1.60 -33.35 -18.60
C CYS D 43 1.37 -32.00 -19.26
N LYS D 44 1.20 -32.01 -20.59
CA LYS D 44 0.78 -30.84 -21.34
C LYS D 44 -0.53 -31.22 -22.03
N PRO D 45 -1.67 -31.00 -21.40
CA PRO D 45 -2.92 -31.52 -21.96
C PRO D 45 -3.24 -30.97 -23.34
N VAL D 46 -2.92 -29.71 -23.60
CA VAL D 46 -3.16 -29.07 -24.90
C VAL D 46 -1.84 -28.44 -25.37
N GLN D 47 -1.41 -28.84 -26.57
CA GLN D 47 -0.27 -28.28 -27.27
C GLN D 47 -0.78 -27.62 -28.54
N THR D 48 -0.48 -26.33 -28.72
CA THR D 48 -0.76 -25.67 -29.97
C THR D 48 0.55 -25.44 -30.72
N GLY D 49 0.43 -24.81 -31.89
CA GLY D 49 1.60 -24.54 -32.69
C GLY D 49 2.34 -25.77 -33.16
N THR D 50 1.66 -26.90 -33.36
CA THR D 50 2.40 -28.08 -33.81
C THR D 50 2.91 -27.91 -35.23
N ALA D 51 2.18 -27.16 -36.06
CA ALA D 51 2.55 -27.00 -37.46
C ALA D 51 3.96 -26.44 -37.64
N ARG D 52 4.50 -25.75 -36.64
CA ARG D 52 5.87 -25.27 -36.66
C ARG D 52 6.76 -26.10 -35.73
N GLY D 53 6.29 -27.26 -35.31
CA GLY D 53 7.13 -28.15 -34.54
C GLY D 53 7.18 -27.88 -33.05
N ASP D 54 6.22 -27.11 -32.53
CA ASP D 54 6.10 -26.99 -31.09
C ASP D 54 5.75 -28.34 -30.49
N ASP D 55 6.51 -28.71 -29.46
CA ASP D 55 6.27 -29.95 -28.73
C ASP D 55 7.03 -29.76 -27.41
N ASP D 56 6.38 -29.15 -26.44
CA ASP D 56 7.03 -28.90 -25.15
C ASP D 56 7.38 -30.20 -24.45
N LEU D 57 6.54 -31.24 -24.58
CA LEU D 57 6.85 -32.53 -23.97
C LEU D 57 8.15 -33.10 -24.53
N ALA D 58 8.33 -33.02 -25.84
CA ALA D 58 9.59 -33.45 -26.45
C ALA D 58 10.75 -32.65 -25.87
N GLU D 59 10.61 -31.33 -25.86
CA GLU D 59 11.64 -30.48 -25.28
C GLU D 59 11.95 -30.88 -23.84
N VAL D 60 10.91 -31.20 -23.07
CA VAL D 60 11.10 -31.65 -21.69
C VAL D 60 11.74 -33.03 -21.67
N GLY D 61 11.28 -33.92 -22.54
CA GLY D 61 11.96 -35.19 -22.67
C GLY D 61 13.41 -35.02 -23.05
N ARG D 62 13.68 -34.17 -24.05
CA ARG D 62 15.04 -34.00 -24.54
C ARG D 62 15.96 -33.40 -23.47
N LEU D 63 15.47 -32.41 -22.74
CA LEU D 63 16.34 -31.72 -21.79
C LEU D 63 16.46 -32.43 -20.46
N ALA D 64 15.42 -33.10 -19.99
CA ALA D 64 15.49 -33.72 -18.68
C ALA D 64 15.28 -35.23 -18.69
N GLY D 65 15.03 -35.83 -19.85
CA GLY D 65 14.91 -37.27 -19.91
C GLY D 65 13.68 -37.86 -19.28
N VAL D 66 12.70 -37.02 -18.92
CA VAL D 66 11.38 -37.52 -18.55
C VAL D 66 10.85 -38.38 -19.69
N THR D 67 10.25 -39.51 -19.33
CA THR D 67 9.58 -40.37 -20.30
C THR D 67 8.06 -40.39 -20.12
N GLN D 68 7.56 -40.15 -18.91
CA GLN D 68 6.12 -40.07 -18.69
C GLN D 68 5.67 -38.68 -19.11
N LEU D 69 5.26 -38.57 -20.37
CA LEU D 69 4.95 -37.29 -21.01
C LEU D 69 3.54 -37.39 -21.58
N ALA D 70 2.57 -36.83 -20.87
CA ALA D 70 1.17 -37.09 -21.15
C ALA D 70 0.50 -35.89 -21.82
N GLY D 71 -0.38 -36.16 -22.79
CA GLY D 71 -1.04 -35.09 -23.51
C GLY D 71 -2.29 -35.60 -24.19
N LEU D 72 -3.25 -34.70 -24.38
CA LEU D 72 -4.56 -35.01 -24.95
C LEU D 72 -4.78 -34.49 -26.36
N ALA D 73 -4.23 -33.34 -26.71
CA ALA D 73 -4.59 -32.67 -27.94
C ALA D 73 -3.39 -31.92 -28.51
N ARG D 74 -3.40 -31.74 -29.83
CA ARG D 74 -2.31 -31.07 -30.54
C ARG D 74 -2.90 -30.27 -31.67
N TYR D 75 -2.74 -28.93 -31.61
CA TYR D 75 -3.32 -28.06 -32.62
C TYR D 75 -2.22 -27.42 -33.45
N PRO D 76 -2.35 -27.45 -34.78
CA PRO D 76 -1.27 -26.93 -35.62
C PRO D 76 -1.07 -25.43 -35.49
N GLN D 77 -2.14 -24.67 -35.30
CA GLN D 77 -2.00 -23.22 -35.29
C GLN D 77 -1.27 -22.76 -34.02
N PRO D 78 -0.37 -21.81 -34.14
CA PRO D 78 0.31 -21.26 -32.96
C PRO D 78 -0.56 -20.24 -32.24
N MET D 79 -1.73 -20.68 -31.80
CA MET D 79 -2.70 -19.78 -31.22
C MET D 79 -3.03 -20.24 -29.81
N ALA D 80 -3.80 -19.42 -29.11
CA ALA D 80 -4.47 -19.86 -27.91
C ALA D 80 -5.22 -21.16 -28.19
N PRO D 81 -5.31 -22.09 -27.24
CA PRO D 81 -5.99 -23.36 -27.51
C PRO D 81 -7.38 -23.21 -28.09
N ALA D 82 -8.19 -22.29 -27.58
CA ALA D 82 -9.54 -22.14 -28.10
C ALA D 82 -9.54 -21.62 -29.52
N ALA D 83 -8.70 -20.61 -29.79
CA ALA D 83 -8.58 -20.12 -31.15
C ALA D 83 -7.99 -21.19 -32.04
N ALA D 84 -7.02 -21.95 -31.52
CA ALA D 84 -6.43 -23.03 -32.29
C ALA D 84 -7.46 -24.08 -32.66
N ALA D 85 -8.22 -24.54 -31.67
CA ALA D 85 -9.31 -25.46 -31.93
C ALA D 85 -10.28 -24.89 -32.94
N GLU D 86 -10.76 -23.68 -32.69
CA GLU D 86 -11.82 -23.15 -33.55
C GLU D 86 -11.34 -23.03 -34.99
N HIS D 87 -10.06 -22.73 -35.18
CA HIS D 87 -9.50 -22.74 -36.52
C HIS D 87 -9.50 -24.14 -37.12
N ALA D 88 -9.22 -25.15 -36.29
CA ALA D 88 -9.16 -26.52 -36.77
C ALA D 88 -10.54 -27.14 -37.00
N GLY D 89 -11.59 -26.59 -36.42
CA GLY D 89 -12.88 -27.22 -36.52
C GLY D 89 -13.14 -28.28 -35.47
N MET D 90 -12.28 -28.41 -34.47
CA MET D 90 -12.36 -29.47 -33.49
C MET D 90 -12.34 -28.87 -32.10
N ALA D 91 -13.16 -29.39 -31.20
CA ALA D 91 -13.23 -28.86 -29.85
C ALA D 91 -11.95 -29.15 -29.07
N LEU D 92 -11.67 -28.30 -28.06
CA LEU D 92 -10.69 -28.65 -27.04
C LEU D 92 -11.09 -29.94 -26.35
N PRO D 93 -10.19 -30.58 -25.61
CA PRO D 93 -10.60 -31.71 -24.78
C PRO D 93 -11.61 -31.26 -23.75
N ALA D 94 -12.22 -32.25 -23.11
CA ALA D 94 -13.12 -31.96 -22.01
C ALA D 94 -12.32 -31.76 -20.73
N ARG D 95 -12.88 -30.94 -19.84
CA ARG D 95 -12.35 -30.83 -18.49
C ARG D 95 -12.10 -32.18 -17.84
N ASP D 96 -13.00 -33.15 -18.09
CA ASP D 96 -12.84 -34.53 -17.59
C ASP D 96 -11.46 -35.07 -17.91
N GLN D 97 -11.17 -35.14 -19.20
CA GLN D 97 -9.95 -35.76 -19.67
C GLN D 97 -8.74 -35.15 -19.02
N ILE D 98 -8.73 -33.83 -18.85
CA ILE D 98 -7.53 -33.21 -18.32
C ILE D 98 -7.35 -33.57 -16.86
N VAL D 99 -8.39 -33.40 -16.04
N VAL D 99 -8.38 -33.36 -16.05
CA VAL D 99 -8.25 -33.67 -14.62
CA VAL D 99 -8.28 -33.68 -14.63
C VAL D 99 -7.97 -35.16 -14.39
C VAL D 99 -7.93 -35.16 -14.46
N ARG D 100 -8.74 -36.05 -15.06
CA ARG D 100 -8.54 -37.47 -14.85
C ARG D 100 -7.18 -37.95 -15.39
N LEU D 101 -6.75 -37.43 -16.55
CA LEU D 101 -5.43 -37.77 -17.06
C LEU D 101 -4.36 -37.38 -16.06
N ILE D 102 -4.40 -36.14 -15.57
CA ILE D 102 -3.42 -35.70 -14.59
C ILE D 102 -3.52 -36.53 -13.32
N ALA D 103 -4.75 -36.76 -12.84
CA ALA D 103 -4.93 -37.54 -11.61
C ALA D 103 -4.35 -38.94 -11.76
N ASP D 104 -4.49 -39.54 -12.95
CA ASP D 104 -3.92 -40.84 -13.23
C ASP D 104 -2.39 -40.80 -13.31
N LEU D 105 -1.80 -39.65 -13.58
CA LEU D 105 -0.33 -39.54 -13.57
C LEU D 105 0.23 -39.56 -12.16
N ASP D 106 -0.51 -39.01 -11.20
CA ASP D 106 -0.02 -38.85 -9.85
C ASP D 106 0.17 -40.22 -9.21
N ARG D 107 1.29 -40.38 -8.52
CA ARG D 107 1.56 -41.59 -7.76
C ARG D 107 2.62 -41.27 -6.70
N PRO D 108 2.73 -42.09 -5.65
CA PRO D 108 3.68 -41.79 -4.59
C PRO D 108 5.12 -41.78 -5.10
N GLY D 109 5.89 -40.82 -4.61
CA GLY D 109 7.26 -40.60 -5.03
C GLY D 109 7.40 -39.86 -6.34
N ARG D 110 6.33 -39.34 -6.90
CA ARG D 110 6.36 -38.72 -8.22
C ARG D 110 6.06 -37.24 -8.12
N LEU D 111 6.89 -36.45 -8.79
CA LEU D 111 6.58 -35.07 -9.06
C LEU D 111 5.90 -35.02 -10.43
N THR D 112 4.67 -34.54 -10.46
CA THR D 112 3.91 -34.43 -11.70
C THR D 112 3.66 -32.97 -12.05
N LEU D 113 4.27 -32.51 -13.13
CA LEU D 113 4.14 -31.15 -13.61
C LEU D 113 3.10 -31.07 -14.72
N VAL D 114 2.20 -30.10 -14.61
CA VAL D 114 1.18 -29.82 -15.61
C VAL D 114 1.52 -28.49 -16.25
N GLU D 115 1.84 -28.51 -17.55
CA GLU D 115 2.14 -27.29 -18.28
C GLU D 115 0.89 -26.84 -19.03
N GLY D 116 0.40 -25.64 -18.70
CA GLY D 116 -0.69 -25.06 -19.44
C GLY D 116 -0.21 -24.48 -20.76
N ALA D 117 -1.12 -23.80 -21.44
CA ALA D 117 -0.75 -22.96 -22.56
C ALA D 117 -0.98 -21.52 -22.17
N GLY D 118 0.00 -20.66 -22.47
CA GLY D 118 -0.17 -19.27 -22.14
C GLY D 118 -0.18 -19.02 -20.64
N GLY D 119 -0.93 -18.01 -20.23
CA GLY D 119 -1.05 -17.67 -18.82
C GLY D 119 -2.06 -18.53 -18.07
N LEU D 120 -2.12 -18.29 -16.77
CA LEU D 120 -3.01 -19.03 -15.89
C LEU D 120 -4.44 -19.13 -16.45
N LEU D 121 -5.00 -18.01 -16.91
CA LEU D 121 -6.42 -17.93 -17.23
C LEU D 121 -6.72 -18.28 -18.67
N VAL D 122 -5.81 -18.95 -19.36
CA VAL D 122 -6.08 -19.37 -20.73
C VAL D 122 -7.04 -20.54 -20.70
N GLU D 123 -8.07 -20.49 -21.56
CA GLU D 123 -9.05 -21.57 -21.67
C GLU D 123 -8.38 -22.84 -22.19
N LEU D 124 -8.32 -23.88 -21.35
CA LEU D 124 -7.82 -25.18 -21.76
C LEU D 124 -8.91 -26.17 -22.13
N ALA D 125 -10.14 -25.98 -21.65
CA ALA D 125 -11.20 -26.96 -21.87
C ALA D 125 -12.52 -26.25 -22.07
N GLU D 126 -13.46 -26.98 -22.71
N GLU D 126 -13.46 -26.97 -22.71
CA GLU D 126 -14.66 -26.51 -23.41
CA GLU D 126 -14.63 -26.45 -23.42
C GLU D 126 -15.37 -25.33 -22.74
C GLU D 126 -15.36 -25.30 -22.74
N PRO D 127 -15.81 -25.40 -21.46
CA PRO D 127 -16.59 -24.31 -20.85
C PRO D 127 -15.77 -23.27 -20.06
N GLY D 128 -14.73 -22.73 -20.69
CA GLY D 128 -13.89 -21.77 -20.00
C GLY D 128 -13.02 -22.38 -18.91
N VAL D 129 -12.73 -23.68 -18.99
CA VAL D 129 -11.86 -24.25 -18.00
C VAL D 129 -10.44 -23.77 -18.23
N THR D 130 -9.74 -23.49 -17.14
CA THR D 130 -8.38 -22.98 -17.19
C THR D 130 -7.50 -23.89 -16.37
N LEU D 131 -6.20 -23.67 -16.51
CA LEU D 131 -5.22 -24.34 -15.68
C LEU D 131 -5.52 -24.14 -14.19
N ARG D 132 -6.05 -22.96 -13.81
CA ARG D 132 -6.35 -22.73 -12.40
C ARG D 132 -7.47 -23.64 -11.92
N ASP D 133 -8.49 -23.85 -12.75
CA ASP D 133 -9.53 -24.81 -12.44
C ASP D 133 -8.91 -26.19 -12.21
N VAL D 134 -8.07 -26.63 -13.14
CA VAL D 134 -7.40 -27.92 -13.03
C VAL D 134 -6.70 -28.07 -11.68
N ALA D 135 -6.03 -26.99 -11.23
CA ALA D 135 -5.24 -27.08 -10.01
C ALA D 135 -6.12 -27.25 -8.78
N VAL D 136 -7.27 -26.57 -8.76
CA VAL D 136 -8.26 -26.80 -7.71
C VAL D 136 -8.67 -28.27 -7.70
N ASP D 137 -8.99 -28.79 -8.89
CA ASP D 137 -9.56 -30.12 -9.01
C ASP D 137 -8.58 -31.21 -8.68
N VAL D 138 -7.28 -30.94 -8.75
CA VAL D 138 -6.31 -31.96 -8.41
C VAL D 138 -5.46 -31.55 -7.22
N ALA D 139 -5.85 -30.46 -6.56
CA ALA D 139 -5.14 -29.91 -5.40
C ALA D 139 -3.67 -29.68 -5.70
N ALA D 140 -3.38 -29.15 -6.89
CA ALA D 140 -2.00 -28.82 -7.23
C ALA D 140 -1.70 -27.39 -6.82
N ALA D 141 -0.48 -27.17 -6.34
CA ALA D 141 0.03 -25.81 -6.23
C ALA D 141 0.43 -25.31 -7.61
N ALA D 142 0.55 -23.99 -7.74
CA ALA D 142 1.04 -23.41 -8.97
C ALA D 142 2.48 -22.93 -8.82
N LEU D 143 3.31 -23.32 -9.76
CA LEU D 143 4.61 -22.69 -9.94
C LEU D 143 4.44 -21.72 -11.09
N VAL D 144 4.91 -20.47 -10.91
CA VAL D 144 4.66 -19.40 -11.87
C VAL D 144 5.98 -19.01 -12.52
N VAL D 145 6.08 -19.23 -13.82
CA VAL D 145 7.23 -18.75 -14.58
C VAL D 145 7.00 -17.31 -14.97
N VAL D 146 8.01 -16.45 -14.75
CA VAL D 146 7.90 -15.02 -14.96
C VAL D 146 9.11 -14.54 -15.75
N THR D 147 9.00 -13.33 -16.30
CA THR D 147 10.12 -12.69 -16.95
C THR D 147 10.85 -11.76 -15.98
N ALA D 148 12.08 -11.43 -16.32
CA ALA D 148 12.82 -10.44 -15.56
C ALA D 148 12.62 -9.04 -16.13
N ASP D 149 11.65 -8.88 -17.03
CA ASP D 149 11.49 -7.72 -17.88
C ASP D 149 10.45 -6.74 -17.35
N LEU D 150 10.57 -5.50 -17.82
CA LEU D 150 9.59 -4.46 -17.51
C LEU D 150 8.18 -5.00 -17.74
N GLY D 151 7.32 -4.80 -16.75
CA GLY D 151 5.97 -5.32 -16.82
C GLY D 151 5.76 -6.57 -16.00
N THR D 152 6.83 -7.28 -15.66
CA THR D 152 6.65 -8.53 -14.95
C THR D 152 6.02 -8.34 -13.58
N LEU D 153 6.24 -7.19 -12.95
CA LEU D 153 5.74 -7.04 -11.59
C LEU D 153 4.23 -7.09 -11.60
N ASN D 154 3.61 -6.30 -12.48
CA ASN D 154 2.16 -6.33 -12.63
C ASN D 154 1.68 -7.73 -13.00
N HIS D 155 2.28 -8.32 -14.04
CA HIS D 155 1.78 -9.60 -14.53
C HIS D 155 1.91 -10.67 -13.46
N THR D 156 3.06 -10.71 -12.77
CA THR D 156 3.21 -11.62 -11.64
C THR D 156 2.13 -11.38 -10.62
N LYS D 157 1.95 -10.12 -10.20
CA LYS D 157 0.95 -9.81 -9.18
C LYS D 157 -0.45 -10.24 -9.64
N LEU D 158 -0.82 -9.92 -10.87
CA LEU D 158 -2.11 -10.37 -11.40
C LEU D 158 -2.27 -11.87 -11.24
N THR D 159 -1.25 -12.62 -11.68
CA THR D 159 -1.32 -14.08 -11.66
C THR D 159 -1.42 -14.61 -10.23
N LEU D 160 -0.55 -14.13 -9.33
CA LEU D 160 -0.63 -14.58 -7.94
C LEU D 160 -1.99 -14.30 -7.34
N GLU D 161 -2.58 -13.13 -7.65
CA GLU D 161 -3.86 -12.78 -7.07
C GLU D 161 -4.97 -13.69 -7.58
N ALA D 162 -4.91 -14.10 -8.84
CA ALA D 162 -5.84 -15.06 -9.40
C ALA D 162 -5.66 -16.44 -8.78
N LEU D 163 -4.41 -16.82 -8.47
CA LEU D 163 -4.19 -18.08 -7.78
C LEU D 163 -4.88 -18.05 -6.41
N ALA D 164 -4.65 -16.98 -5.64
CA ALA D 164 -5.18 -16.91 -4.28
C ALA D 164 -6.68 -16.80 -4.29
N ALA D 165 -7.25 -16.21 -5.35
CA ALA D 165 -8.69 -16.08 -5.43
C ALA D 165 -9.36 -17.44 -5.48
N GLN D 166 -8.60 -18.50 -5.74
CA GLN D 166 -9.15 -19.85 -5.74
C GLN D 166 -8.39 -20.75 -4.78
N GLN D 167 -7.72 -20.17 -3.79
CA GLN D 167 -6.95 -20.91 -2.79
C GLN D 167 -6.04 -21.94 -3.44
N VAL D 168 -5.60 -21.67 -4.66
CA VAL D 168 -4.52 -22.44 -5.26
C VAL D 168 -3.23 -21.89 -4.70
N SER D 169 -2.54 -22.70 -3.91
CA SER D 169 -1.28 -22.25 -3.34
C SER D 169 -0.28 -21.96 -4.45
N CYS D 170 0.51 -20.92 -4.25
CA CYS D 170 1.63 -20.61 -5.13
C CYS D 170 2.87 -21.29 -4.57
N ALA D 171 3.49 -22.14 -5.40
CA ALA D 171 4.74 -22.80 -5.05
C ALA D 171 5.96 -21.92 -5.23
N GLY D 172 5.78 -20.71 -5.74
CA GLY D 172 6.87 -19.77 -5.96
C GLY D 172 6.98 -19.36 -7.42
N LEU D 173 7.99 -18.55 -7.69
CA LEU D 173 8.26 -18.01 -9.00
C LEU D 173 9.50 -18.65 -9.59
N VAL D 174 9.60 -18.60 -10.91
CA VAL D 174 10.85 -18.92 -11.61
C VAL D 174 11.02 -17.94 -12.76
N ILE D 175 12.05 -17.10 -12.70
CA ILE D 175 12.41 -16.29 -13.84
C ILE D 175 12.82 -17.25 -14.95
N GLY D 176 12.03 -17.34 -16.01
CA GLY D 176 12.28 -18.33 -17.02
C GLY D 176 13.58 -18.12 -17.75
N SER D 177 14.08 -16.89 -17.76
CA SER D 177 15.25 -16.53 -18.57
C SER D 177 15.95 -15.36 -17.88
N TRP D 178 17.13 -15.62 -17.33
CA TRP D 178 17.90 -14.62 -16.62
C TRP D 178 19.06 -14.16 -17.49
N PRO D 179 19.16 -12.87 -17.80
CA PRO D 179 20.16 -12.43 -18.78
C PRO D 179 21.58 -12.45 -18.24
N ASP D 180 22.53 -12.63 -19.16
CA ASP D 180 23.96 -12.53 -18.87
C ASP D 180 24.59 -11.59 -19.89
N PRO D 181 24.84 -10.33 -19.52
CA PRO D 181 24.65 -9.80 -18.17
C PRO D 181 23.24 -9.21 -17.95
N PRO D 182 22.85 -9.01 -16.69
CA PRO D 182 21.52 -8.47 -16.38
C PRO D 182 21.47 -6.94 -16.40
N GLY D 183 20.55 -6.40 -17.19
CA GLY D 183 20.36 -4.97 -17.26
C GLY D 183 19.78 -4.40 -15.96
N LEU D 184 19.56 -3.08 -15.99
CA LEU D 184 19.09 -2.37 -14.79
C LEU D 184 17.73 -2.88 -14.35
N VAL D 185 16.82 -3.09 -15.31
CA VAL D 185 15.48 -3.54 -14.96
C VAL D 185 15.50 -4.95 -14.40
N ALA D 186 16.10 -5.88 -15.16
CA ALA D 186 16.16 -7.27 -14.72
C ALA D 186 16.59 -7.37 -13.27
N ALA D 187 17.70 -6.70 -12.93
CA ALA D 187 18.30 -6.86 -11.62
C ALA D 187 17.43 -6.26 -10.52
N SER D 188 16.69 -5.19 -10.85
CA SER D 188 15.70 -4.67 -9.91
C SER D 188 14.50 -5.61 -9.78
N ASN D 189 13.98 -6.10 -10.91
CA ASN D 189 12.83 -6.98 -10.85
C ASN D 189 13.12 -8.26 -10.08
N ARG D 190 14.29 -8.86 -10.32
CA ARG D 190 14.64 -10.04 -9.52
C ARG D 190 14.56 -9.74 -8.02
N SER D 191 14.91 -8.52 -7.63
CA SER D 191 14.76 -8.13 -6.24
C SER D 191 13.30 -7.86 -5.90
N ALA D 192 12.60 -7.11 -6.76
CA ALA D 192 11.19 -6.84 -6.51
C ALA D 192 10.41 -8.14 -6.49
N LEU D 193 10.60 -8.97 -7.51
CA LEU D 193 9.93 -10.26 -7.59
C LEU D 193 10.05 -11.03 -6.27
N ALA D 194 11.26 -11.07 -5.69
CA ALA D 194 11.44 -11.77 -4.43
C ALA D 194 10.65 -11.14 -3.31
N ARG D 195 10.41 -9.83 -3.38
CA ARG D 195 9.59 -9.19 -2.36
C ARG D 195 8.14 -9.62 -2.44
N ILE D 196 7.76 -10.29 -3.54
CA ILE D 196 6.41 -10.72 -3.88
C ILE D 196 6.19 -12.19 -3.58
N ALA D 197 7.23 -13.02 -3.75
CA ALA D 197 7.09 -14.47 -3.61
C ALA D 197 8.45 -15.12 -3.70
N MET D 198 8.53 -16.34 -3.17
CA MET D 198 9.76 -17.13 -3.26
C MET D 198 10.18 -17.29 -4.71
N VAL D 199 11.36 -16.77 -5.05
CA VAL D 199 11.95 -17.00 -6.37
C VAL D 199 12.68 -18.34 -6.28
N ARG D 200 12.11 -19.37 -6.89
CA ARG D 200 12.65 -20.71 -6.73
C ARG D 200 13.94 -20.89 -7.53
N ALA D 201 14.11 -20.10 -8.59
CA ALA D 201 15.26 -20.17 -9.48
C ALA D 201 15.17 -19.02 -10.46
N ALA D 202 16.28 -18.78 -11.15
CA ALA D 202 16.30 -17.98 -12.36
C ALA D 202 17.06 -18.78 -13.41
N LEU D 203 16.45 -18.99 -14.51
CA LEU D 203 17.12 -19.90 -15.43
C LEU D 203 18.05 -19.11 -16.32
N PRO D 204 19.32 -19.51 -16.42
CA PRO D 204 20.21 -18.85 -17.40
C PRO D 204 19.59 -18.81 -18.78
N ALA D 205 19.60 -17.62 -19.37
CA ALA D 205 18.98 -17.43 -20.67
C ALA D 205 19.61 -18.35 -21.70
N GLY D 206 18.79 -18.86 -22.61
CA GLY D 206 19.25 -19.88 -23.52
C GLY D 206 19.61 -21.18 -22.83
N ALA D 207 18.85 -21.56 -21.80
CA ALA D 207 19.05 -22.86 -21.19
C ALA D 207 18.50 -23.99 -22.07
N ALA D 208 17.49 -23.70 -22.89
CA ALA D 208 16.88 -24.74 -23.72
C ALA D 208 17.84 -25.35 -24.72
N SER D 209 18.97 -24.69 -24.99
CA SER D 209 19.91 -25.11 -26.00
C SER D 209 21.11 -25.87 -25.46
N LEU D 210 21.27 -25.93 -24.14
CA LEU D 210 22.33 -26.72 -23.54
C LEU D 210 22.20 -28.19 -23.91
N ASP D 211 23.34 -28.88 -23.96
CA ASP D 211 23.34 -30.32 -24.13
C ASP D 211 22.77 -30.96 -22.87
N ALA D 212 22.23 -32.17 -23.03
CA ALA D 212 21.55 -32.82 -21.91
C ALA D 212 22.40 -32.76 -20.64
N GLY D 213 23.71 -32.98 -20.78
CA GLY D 213 24.56 -32.99 -19.60
C GLY D 213 24.65 -31.63 -18.92
N ASP D 214 24.98 -30.58 -19.70
CA ASP D 214 25.11 -29.25 -19.13
C ASP D 214 23.77 -28.72 -18.60
N PHE D 215 22.68 -29.02 -19.30
CA PHE D 215 21.37 -28.59 -18.84
C PHE D 215 21.05 -29.15 -17.46
N ALA D 216 21.36 -30.42 -17.24
CA ALA D 216 21.07 -31.04 -15.95
C ALA D 216 21.90 -30.39 -14.83
N ALA D 217 23.17 -30.08 -15.12
CA ALA D 217 23.99 -29.42 -14.10
C ALA D 217 23.47 -28.02 -13.81
N MET D 218 22.97 -27.34 -14.84
CA MET D 218 22.32 -26.05 -14.66
C MET D 218 21.11 -26.17 -13.75
N SER D 219 20.23 -27.14 -14.05
CA SER D 219 19.03 -27.33 -13.26
C SER D 219 19.38 -27.66 -11.80
N ALA D 220 20.40 -28.49 -11.59
CA ALA D 220 20.75 -28.87 -10.23
C ALA D 220 21.20 -27.66 -9.43
N ALA D 221 21.90 -26.73 -10.08
CA ALA D 221 22.30 -25.48 -9.43
C ALA D 221 21.14 -24.51 -9.34
N ALA D 222 20.30 -24.44 -10.38
CA ALA D 222 19.26 -23.42 -10.46
C ALA D 222 18.37 -23.42 -9.22
N PHE D 223 17.97 -24.60 -8.77
CA PHE D 223 17.07 -24.71 -7.63
C PHE D 223 17.80 -25.09 -6.35
N ASP D 224 17.22 -24.66 -5.24
CA ASP D 224 17.68 -25.11 -3.95
C ASP D 224 17.50 -26.62 -3.82
N ARG D 225 18.59 -27.33 -3.48
CA ARG D 225 18.52 -28.78 -3.31
C ARG D 225 17.36 -29.18 -2.40
N ASN D 226 17.26 -28.55 -1.23
CA ASN D 226 16.30 -28.98 -0.22
C ASN D 226 14.86 -28.72 -0.66
N TRP D 227 14.61 -27.59 -1.32
CA TRP D 227 13.26 -27.31 -1.78
C TRP D 227 12.80 -28.38 -2.76
N VAL D 228 13.66 -28.76 -3.70
CA VAL D 228 13.30 -29.73 -4.73
C VAL D 228 12.95 -31.07 -4.08
N ALA D 229 13.88 -31.62 -3.29
CA ALA D 229 13.59 -32.85 -2.57
C ALA D 229 12.40 -32.69 -1.66
N GLY D 230 12.20 -31.49 -1.11
CA GLY D 230 11.06 -31.24 -0.25
C GLY D 230 9.73 -31.39 -0.96
N LEU D 231 9.71 -31.33 -2.29
CA LEU D 231 8.48 -31.53 -3.02
C LEU D 231 7.98 -32.96 -2.93
N VAL D 232 8.81 -33.88 -2.42
CA VAL D 232 8.53 -35.31 -2.26
C VAL D 232 7.70 -35.82 -3.43
#